data_7LOM
#
_entry.id   7LOM
#
_cell.length_a   115.610
_cell.length_b   115.610
_cell.length_c   186.570
_cell.angle_alpha   90.00
_cell.angle_beta   90.00
_cell.angle_gamma   120.00
#
_symmetry.space_group_name_H-M   'P 32 2 1'
#
loop_
_entity.id
_entity.type
_entity.pdbx_description
1 polymer 'Ornithine aminotransferase, mitochondrial'
2 non-polymer THREONINE
3 non-polymer '(3~{S},4~{S})-4-methyl-3-[[2-methyl-3-oxidanyl-5-(phosphonooxymethyl)pyridin-4-yl]methylamino]cyclohexene-1-carboxylic acid'
4 non-polymer '(4~{R})-4-(fluoranylmethyl)-3-[[2-methyl-3-oxidanyl-5-(phosphonooxymethyl)pyridin-4-yl]methylamino]cyclohexene-1-carboxylic acid'
5 water water
#
_entity_poly.entity_id   1
_entity_poly.type   'polypeptide(L)'
_entity_poly.pdbx_seq_one_letter_code
;GPPTSDDIFEREYKYGAHNYHPLPVALERGKGIYLWDVEGRKYFDFLSSYSAVNQGHCHPKIVNALKSQVDKLTLTSRAF
YNNVLGEYEEYITKLFNYHKVLPMNTGVEAGETACKLARKWGYTVKGIQKYKAKIVFAAGNFWGRTLSAISSSTDPTSYD
GFGPFMPGFDIIPYNDLPALERALQDPNVAAFMVEPIQGEAGVVVPDPGYLMGVRELCTRHQVLFIADEIQTGLARTGRW
LAVDYENVRPDIVLLGKALSGGLYPVSAVLCDDDIMLTIKPGEHGSTYGGNPLGCRVAIAALEVLEEENLAENADKLGII
LRNELMKLPSDVVTAVRGKGLLNAIVIKETKDWDAWKVCLRLRDNGLLAKPTHGDIIRFAPPLVIKEDELRESIEIINKT
ILSF
;
_entity_poly.pdbx_strand_id   A,B,C
#
loop_
_chem_comp.id
_chem_comp.type
_chem_comp.name
_chem_comp.formula
Y8P non-polymer '(3~{S},4~{S})-4-methyl-3-[[2-methyl-3-oxidanyl-5-(phosphonooxymethyl)pyridin-4-yl]methylamino]cyclohexene-1-carboxylic acid' 'C16 H25 N2 O7 P'
YCD non-polymer '(4~{R})-4-(fluoranylmethyl)-3-[[2-methyl-3-oxidanyl-5-(phosphonooxymethyl)pyridin-4-yl]methylamino]cyclohexene-1-carboxylic acid' 'C16 H18 F N2 O7 P'
#
# COMPACT_ATOMS: atom_id res chain seq x y z
N PRO A 2 37.18 -17.14 24.33
CA PRO A 2 37.26 -17.42 22.89
C PRO A 2 36.05 -17.07 21.97
N PRO A 3 34.83 -16.86 22.48
CA PRO A 3 33.69 -16.74 21.55
C PRO A 3 33.74 -15.43 20.78
N THR A 4 33.75 -15.54 19.46
CA THR A 4 33.84 -14.38 18.58
C THR A 4 32.49 -13.68 18.49
N SER A 5 32.46 -12.58 17.72
CA SER A 5 31.20 -11.89 17.48
C SER A 5 30.24 -12.76 16.68
N ASP A 6 30.74 -13.45 15.64
CA ASP A 6 29.88 -14.31 14.84
C ASP A 6 29.29 -15.44 15.69
N ASP A 7 30.07 -15.97 16.63
CA ASP A 7 29.53 -16.97 17.55
C ASP A 7 28.42 -16.38 18.41
N ILE A 8 28.51 -15.09 18.74
CA ILE A 8 27.50 -14.47 19.59
C ILE A 8 26.19 -14.33 18.84
N PHE A 9 26.22 -13.63 17.69
CA PHE A 9 25.03 -13.46 16.87
C PHE A 9 24.33 -14.80 16.64
N GLU A 10 25.04 -15.75 16.02
CA GLU A 10 24.48 -17.05 15.69
C GLU A 10 23.95 -17.78 16.92
N ARG A 11 24.44 -17.46 18.11
CA ARG A 11 23.89 -18.08 19.31
C ARG A 11 22.49 -17.55 19.59
N GLU A 12 22.33 -16.22 19.63
CA GLU A 12 21.03 -15.65 19.92
C GLU A 12 19.99 -16.09 18.89
N TYR A 13 20.36 -16.02 17.60
CA TYR A 13 19.47 -16.47 16.54
C TYR A 13 18.93 -17.87 16.79
N LYS A 14 19.68 -18.71 17.51
CA LYS A 14 19.22 -20.07 17.77
C LYS A 14 18.40 -20.17 19.04
N TYR A 15 18.68 -19.35 20.05
CA TYR A 15 18.05 -19.52 21.35
C TYR A 15 17.24 -18.33 21.84
N GLY A 16 17.35 -17.18 21.18
CA GLY A 16 16.60 -16.00 21.56
C GLY A 16 15.50 -15.70 20.55
N ALA A 17 14.44 -15.06 21.03
CA ALA A 17 13.37 -14.63 20.14
C ALA A 17 13.90 -13.64 19.11
N HIS A 18 13.31 -13.67 17.92
CA HIS A 18 13.70 -12.79 16.83
C HIS A 18 12.94 -11.46 16.82
N ASN A 19 12.68 -10.89 18.00
CA ASN A 19 11.94 -9.64 18.07
C ASN A 19 12.81 -8.41 17.81
N TYR A 20 14.11 -8.59 17.61
CA TYR A 20 15.02 -7.50 17.30
C TYR A 20 15.90 -7.88 16.13
N HIS A 21 16.41 -6.86 15.43
CA HIS A 21 17.45 -7.00 14.42
C HIS A 21 18.51 -5.96 14.71
N PRO A 22 19.42 -6.25 15.65
CA PRO A 22 20.41 -5.25 16.06
C PRO A 22 21.47 -5.05 15.00
N LEU A 23 22.23 -3.98 15.18
CA LEU A 23 23.42 -3.77 14.35
C LEU A 23 24.46 -4.83 14.69
N PRO A 24 25.03 -5.52 13.70
CA PRO A 24 25.95 -6.61 14.01
C PRO A 24 27.24 -6.14 14.68
N VAL A 25 27.15 -5.84 15.97
CA VAL A 25 28.31 -5.57 16.81
C VAL A 25 28.02 -6.15 18.20
N ALA A 26 29.02 -6.79 18.80
CA ALA A 26 28.84 -7.56 20.02
C ALA A 26 29.72 -6.98 21.13
N LEU A 27 29.14 -6.11 21.94
CA LEU A 27 29.86 -5.42 23.00
C LEU A 27 29.95 -6.27 24.26
N GLU A 28 31.06 -6.12 24.98
CA GLU A 28 31.23 -6.78 26.27
C GLU A 28 31.81 -5.89 27.35
N ARG A 29 32.05 -4.61 27.06
CA ARG A 29 32.52 -3.70 28.10
C ARG A 29 32.05 -2.29 27.79
N GLY A 30 31.80 -1.51 28.84
CA GLY A 30 31.38 -0.14 28.68
C GLY A 30 31.89 0.78 29.77
N LYS A 31 32.41 1.94 29.39
CA LYS A 31 32.92 2.89 30.37
C LYS A 31 32.75 4.30 29.85
N GLY A 32 31.99 5.11 30.58
CA GLY A 32 31.79 6.50 30.19
C GLY A 32 31.12 6.58 28.83
N ILE A 33 31.83 7.18 27.87
CA ILE A 33 31.31 7.34 26.52
C ILE A 33 31.70 6.20 25.59
N TYR A 34 32.50 5.25 26.05
CA TYR A 34 33.10 4.25 25.18
C TYR A 34 32.50 2.87 25.42
N LEU A 35 32.48 2.08 24.35
CA LEU A 35 32.10 0.67 24.38
C LEU A 35 33.19 -0.17 23.74
N TRP A 36 33.35 -1.39 24.24
CA TRP A 36 34.35 -2.33 23.77
C TRP A 36 33.67 -3.65 23.42
N ASP A 37 33.91 -4.14 22.21
CA ASP A 37 33.37 -5.40 21.76
C ASP A 37 34.31 -6.54 22.16
N VAL A 38 33.89 -7.78 21.86
CA VAL A 38 34.66 -8.95 22.27
C VAL A 38 36.02 -9.02 21.57
N GLU A 39 36.16 -8.39 20.40
CA GLU A 39 37.44 -8.35 19.72
C GLU A 39 38.35 -7.25 20.26
N GLY A 40 37.92 -6.51 21.27
CA GLY A 40 38.73 -5.46 21.85
C GLY A 40 38.63 -4.11 21.16
N ARG A 41 37.81 -3.99 20.12
CA ARG A 41 37.70 -2.72 19.40
C ARG A 41 36.92 -1.70 20.22
N LYS A 42 37.31 -0.43 20.04
CA LYS A 42 36.77 0.68 20.82
C LYS A 42 35.82 1.50 19.97
N TYR A 43 34.69 1.90 20.56
CA TYR A 43 33.66 2.64 19.85
C TYR A 43 33.15 3.79 20.71
N PHE A 44 32.87 4.93 20.08
CA PHE A 44 32.04 5.94 20.69
C PHE A 44 30.59 5.47 20.71
N ASP A 45 29.91 5.69 21.83
CA ASP A 45 28.51 5.32 21.97
C ASP A 45 27.67 6.56 21.73
N PHE A 46 27.09 6.67 20.53
CA PHE A 46 26.20 7.77 20.18
C PHE A 46 24.73 7.36 20.21
N LEU A 47 24.41 6.31 20.96
CA LEU A 47 23.04 5.91 21.22
C LEU A 47 22.67 6.02 22.69
N SER A 48 23.62 5.82 23.60
CA SER A 48 23.44 5.99 25.04
C SER A 48 22.32 5.10 25.57
N SER A 49 22.12 3.94 24.95
CA SER A 49 21.02 3.03 25.32
C SER A 49 19.69 3.77 25.35
N TYR A 50 19.49 4.64 24.34
CA TYR A 50 18.27 5.44 24.21
C TYR A 50 18.07 6.33 25.44
N SER A 51 19.15 7.02 25.82
CA SER A 51 19.21 7.95 26.96
C SER A 51 19.17 7.26 28.31
N ALA A 52 19.45 5.96 28.37
CA ALA A 52 19.48 5.28 29.65
C ALA A 52 20.79 5.48 30.39
N VAL A 53 21.90 5.62 29.66
CA VAL A 53 23.18 5.89 30.28
C VAL A 53 23.61 7.32 29.98
N ASN A 54 22.73 8.28 30.31
CA ASN A 54 23.09 9.70 30.22
C ASN A 54 24.37 9.98 31.00
N GLN A 55 24.53 9.33 32.15
CA GLN A 55 25.69 9.54 33.01
C GLN A 55 26.91 8.75 32.56
N GLY A 56 26.86 8.12 31.40
CA GLY A 56 27.94 7.28 30.94
C GLY A 56 27.82 5.84 31.43
N HIS A 57 28.47 4.94 30.70
CA HIS A 57 28.43 3.52 31.05
C HIS A 57 29.19 3.28 32.36
N CYS A 58 28.52 2.66 33.32
CA CYS A 58 29.13 2.24 34.59
C CYS A 58 29.76 3.42 35.32
N HIS A 59 28.94 4.40 35.65
CA HIS A 59 29.44 5.56 36.40
C HIS A 59 29.86 5.11 37.79
N PRO A 60 31.07 5.47 38.24
CA PRO A 60 31.58 4.92 39.51
C PRO A 60 30.69 5.24 40.70
N LYS A 61 30.01 6.37 40.72
CA LYS A 61 29.15 6.72 41.85
C LYS A 61 27.94 5.79 41.92
N ILE A 62 27.28 5.57 40.78
CA ILE A 62 26.12 4.69 40.75
C ILE A 62 26.54 3.24 41.00
N VAL A 63 27.70 2.84 40.48
CA VAL A 63 28.21 1.50 40.73
C VAL A 63 28.49 1.30 42.21
N ASN A 64 29.06 2.31 42.87
CA ASN A 64 29.34 2.20 44.29
C ASN A 64 28.05 2.16 45.10
N ALA A 65 27.05 2.94 44.70
CA ALA A 65 25.75 2.87 45.36
C ALA A 65 25.16 1.48 45.26
N LEU A 66 25.17 0.90 44.06
CA LEU A 66 24.62 -0.44 43.86
C LEU A 66 25.40 -1.48 44.67
N LYS A 67 26.73 -1.39 44.68
CA LYS A 67 27.53 -2.35 45.43
C LYS A 67 27.32 -2.22 46.93
N SER A 68 27.13 -0.98 47.42
CA SER A 68 26.90 -0.79 48.85
C SER A 68 25.53 -1.29 49.26
N GLN A 69 24.53 -1.13 48.38
CA GLN A 69 23.18 -1.54 48.76
C GLN A 69 22.96 -3.04 48.59
N VAL A 70 23.63 -3.67 47.62
CA VAL A 70 23.39 -5.09 47.37
C VAL A 70 23.88 -5.94 48.54
N ASP A 71 24.86 -5.44 49.31
CA ASP A 71 25.34 -6.16 50.48
C ASP A 71 24.40 -6.05 51.67
N LYS A 72 23.40 -5.18 51.61
CA LYS A 72 22.50 -4.94 52.73
C LYS A 72 21.11 -5.52 52.50
N LEU A 73 20.44 -5.12 51.42
CA LEU A 73 19.05 -5.49 51.18
C LEU A 73 18.69 -5.08 49.76
N THR A 74 17.99 -5.96 49.05
CA THR A 74 17.62 -5.69 47.66
C THR A 74 16.12 -5.70 47.40
N LEU A 75 15.35 -6.54 48.08
CA LEU A 75 13.91 -6.59 47.82
C LEU A 75 13.19 -7.17 49.04
N THR A 76 12.24 -6.41 49.57
CA THR A 76 11.33 -6.89 50.61
C THR A 76 9.91 -7.01 50.12
N SER A 77 9.62 -6.56 48.89
CA SER A 77 8.27 -6.35 48.37
C SER A 77 7.56 -5.27 49.18
N ARG A 78 6.51 -4.68 48.60
CA ARG A 78 5.82 -3.59 49.26
C ARG A 78 4.89 -4.06 50.37
N ALA A 79 4.86 -5.36 50.66
CA ALA A 79 4.14 -5.84 51.83
C ALA A 79 4.76 -5.32 53.13
N PHE A 80 6.03 -4.92 53.09
CA PHE A 80 6.70 -4.30 54.22
C PHE A 80 7.36 -3.00 53.75
N TYR A 81 7.77 -2.19 54.72
CA TYR A 81 8.53 -0.98 54.45
C TYR A 81 10.02 -1.28 54.40
N ASN A 82 10.73 -0.54 53.54
CA ASN A 82 12.18 -0.50 53.56
C ASN A 82 12.61 0.93 53.83
N ASN A 83 13.86 1.09 54.29
CA ASN A 83 14.31 2.40 54.75
C ASN A 83 14.74 3.33 53.62
N VAL A 84 14.94 2.82 52.41
CA VAL A 84 15.49 3.64 51.33
C VAL A 84 14.40 4.33 50.51
N LEU A 85 13.21 3.73 50.42
CA LEU A 85 12.19 4.21 49.50
C LEU A 85 11.72 5.62 49.87
N GLY A 86 11.47 5.87 51.16
CA GLY A 86 11.02 7.18 51.57
C GLY A 86 12.05 8.27 51.33
N GLU A 87 13.32 7.95 51.60
CA GLU A 87 14.40 8.89 51.32
C GLU A 87 14.44 9.25 49.84
N TYR A 88 14.40 8.23 48.97
CA TYR A 88 14.41 8.48 47.53
C TYR A 88 13.19 9.29 47.10
N GLU A 89 12.02 8.97 47.66
CA GLU A 89 10.80 9.67 47.29
C GLU A 89 10.87 11.14 47.67
N GLU A 90 11.30 11.44 48.90
CA GLU A 90 11.46 12.83 49.30
C GLU A 90 12.44 13.55 48.39
N TYR A 91 13.59 12.92 48.11
CA TYR A 91 14.59 13.54 47.25
C TYR A 91 13.99 13.90 45.89
N ILE A 92 13.34 12.96 45.23
CA ILE A 92 12.89 13.21 43.86
C ILE A 92 11.69 14.15 43.84
N THR A 93 10.80 14.07 44.83
CA THR A 93 9.65 14.97 44.87
C THR A 93 10.08 16.41 45.11
N LYS A 94 11.08 16.61 45.98
CA LYS A 94 11.59 17.96 46.18
C LYS A 94 12.41 18.43 44.99
N LEU A 95 13.06 17.50 44.27
CA LEU A 95 13.85 17.88 43.11
C LEU A 95 12.96 18.36 41.98
N PHE A 96 11.84 17.69 41.73
CA PHE A 96 10.97 18.08 40.62
C PHE A 96 9.73 18.86 41.05
N ASN A 97 9.59 19.16 42.34
CA ASN A 97 8.54 20.02 42.87
C ASN A 97 7.14 19.48 42.56
N TYR A 98 6.93 18.22 42.93
CA TYR A 98 5.60 17.62 42.93
C TYR A 98 5.35 17.01 44.30
N HIS A 99 4.06 16.89 44.65
CA HIS A 99 3.70 16.39 45.97
C HIS A 99 4.21 14.97 46.18
N LYS A 100 3.97 14.08 45.22
CA LYS A 100 4.27 12.67 45.42
C LYS A 100 4.78 12.03 44.14
N VAL A 101 5.39 10.86 44.32
CA VAL A 101 5.90 10.02 43.26
C VAL A 101 5.40 8.60 43.49
N LEU A 102 5.09 7.91 42.40
CA LEU A 102 4.78 6.48 42.41
C LEU A 102 5.90 5.75 41.68
N PRO A 103 6.60 4.83 42.33
CA PRO A 103 7.71 4.14 41.68
C PRO A 103 7.29 2.89 40.94
N MET A 104 7.84 2.72 39.74
CA MET A 104 7.67 1.50 38.97
C MET A 104 9.04 1.10 38.42
N ASN A 105 9.08 0.12 37.51
CA ASN A 105 10.34 -0.41 37.01
C ASN A 105 10.66 0.09 35.61
N THR A 106 9.79 -0.17 34.64
CA THR A 106 10.02 0.17 33.26
C THR A 106 9.20 1.39 32.85
N GLY A 107 9.58 1.99 31.71
CA GLY A 107 8.88 3.17 31.24
C GLY A 107 7.43 2.89 30.90
N VAL A 108 7.17 1.74 30.27
CA VAL A 108 5.80 1.40 29.90
C VAL A 108 4.94 1.23 31.14
N GLU A 109 5.54 0.78 32.25
CA GLU A 109 4.78 0.66 33.50
C GLU A 109 4.40 2.03 34.03
N ALA A 110 5.32 3.00 33.95
CA ALA A 110 5.00 4.36 34.35
C ALA A 110 3.90 4.95 33.46
N GLY A 111 3.92 4.62 32.16
CA GLY A 111 2.85 5.08 31.29
C GLY A 111 1.51 4.47 31.63
N GLU A 112 1.50 3.15 31.89
CA GLU A 112 0.28 2.49 32.35
C GLU A 112 -0.25 3.13 33.63
N THR A 113 0.66 3.44 34.56
CA THR A 113 0.27 4.10 35.80
C THR A 113 -0.34 5.46 35.53
N ALA A 114 0.26 6.22 34.61
CA ALA A 114 -0.29 7.53 34.26
C ALA A 114 -1.69 7.40 33.67
N CYS A 115 -1.91 6.39 32.84
CA CYS A 115 -3.23 6.17 32.26
C CYS A 115 -4.25 5.83 33.34
N LYS A 116 -3.87 4.94 34.27
CA LYS A 116 -4.78 4.56 35.34
C LYS A 116 -5.09 5.74 36.26
N LEU A 117 -4.07 6.57 36.56
CA LEU A 117 -4.29 7.77 37.34
C LEU A 117 -5.25 8.72 36.63
N ALA A 118 -5.05 8.91 35.32
CA ALA A 118 -5.91 9.82 34.57
C ALA A 118 -7.35 9.34 34.56
N ARG A 119 -7.55 8.04 34.35
CA ARG A 119 -8.91 7.49 34.32
C ARG A 119 -9.57 7.59 35.69
N LYS A 120 -8.84 7.19 36.75
CA LYS A 120 -9.39 7.24 38.10
C LYS A 120 -9.72 8.67 38.52
N TRP A 121 -8.89 9.63 38.10
CA TRP A 121 -9.16 11.03 38.40
C TRP A 121 -10.35 11.55 37.61
N GLY A 122 -10.48 11.12 36.35
CA GLY A 122 -11.62 11.52 35.55
C GLY A 122 -12.93 11.02 36.13
N TYR A 123 -12.92 9.82 36.72
CA TYR A 123 -14.14 9.30 37.32
C TYR A 123 -14.41 9.91 38.69
N THR A 124 -13.43 9.85 39.60
CA THR A 124 -13.68 10.22 40.98
C THR A 124 -13.66 11.73 41.21
N VAL A 125 -12.96 12.49 40.37
CA VAL A 125 -12.82 13.93 40.55
C VAL A 125 -13.58 14.70 39.47
N LYS A 126 -13.30 14.41 38.19
CA LYS A 126 -13.94 15.17 37.12
C LYS A 126 -15.41 14.80 36.97
N GLY A 127 -15.80 13.60 37.38
CA GLY A 127 -17.18 13.18 37.32
C GLY A 127 -17.61 12.51 36.04
N ILE A 128 -16.67 12.00 35.24
CA ILE A 128 -17.03 11.26 34.04
C ILE A 128 -17.72 9.96 34.43
N GLN A 129 -18.80 9.63 33.72
CA GLN A 129 -19.49 8.39 33.98
C GLN A 129 -18.57 7.21 33.69
N LYS A 130 -18.62 6.21 34.56
CA LYS A 130 -17.55 5.22 34.66
C LYS A 130 -17.37 4.45 33.35
N TYR A 131 -16.14 4.49 32.85
CA TYR A 131 -15.63 3.72 31.72
C TYR A 131 -15.97 4.38 30.39
N LYS A 132 -16.31 5.67 30.43
CA LYS A 132 -16.38 6.54 29.26
C LYS A 132 -15.17 7.45 29.14
N ALA A 133 -14.23 7.39 30.08
CA ALA A 133 -13.10 8.30 30.06
C ALA A 133 -12.19 8.01 28.87
N LYS A 134 -11.69 9.08 28.25
CA LYS A 134 -10.82 8.99 27.11
C LYS A 134 -9.47 9.63 27.41
N ILE A 135 -8.43 9.11 26.78
CA ILE A 135 -7.09 9.69 26.83
C ILE A 135 -6.65 9.96 25.40
N VAL A 136 -6.10 11.15 25.18
CA VAL A 136 -5.66 11.58 23.86
C VAL A 136 -4.15 11.45 23.77
N PHE A 137 -3.67 10.92 22.65
CA PHE A 137 -2.27 10.77 22.34
C PHE A 137 -1.95 11.50 21.04
N ALA A 138 -0.67 11.71 20.79
CA ALA A 138 -0.21 12.33 19.56
C ALA A 138 0.36 11.27 18.64
N ALA A 139 0.02 11.39 17.34
CA ALA A 139 0.55 10.45 16.36
C ALA A 139 2.07 10.44 16.39
N GLY A 140 2.65 9.26 16.17
CA GLY A 140 4.08 9.08 16.32
C GLY A 140 4.54 8.78 17.73
N ASN A 141 3.62 8.73 18.70
CA ASN A 141 3.99 8.48 20.08
C ASN A 141 4.55 7.07 20.25
N PHE A 142 5.45 6.93 21.22
CA PHE A 142 5.94 5.62 21.63
C PHE A 142 6.13 5.65 23.14
N TRP A 143 5.43 4.75 23.85
CA TRP A 143 5.67 4.65 25.28
C TRP A 143 5.69 3.20 25.78
N GLY A 144 6.04 2.25 24.92
CA GLY A 144 6.21 0.88 25.35
C GLY A 144 5.60 -0.09 24.37
N ARG A 145 5.51 -1.36 24.81
CA ARG A 145 5.07 -2.44 23.95
C ARG A 145 3.94 -3.28 24.57
N THR A 146 3.30 -2.76 25.62
CA THR A 146 2.12 -3.44 26.14
C THR A 146 0.95 -3.28 25.17
N LEU A 147 -0.15 -3.98 25.45
CA LEU A 147 -1.30 -3.93 24.56
C LEU A 147 -1.88 -2.53 24.52
N SER A 148 -1.93 -1.83 25.66
CA SER A 148 -2.42 -0.46 25.68
C SER A 148 -1.47 0.48 24.93
N ALA A 149 -0.16 0.33 25.18
CA ALA A 149 0.82 1.19 24.54
C ALA A 149 0.73 1.10 23.02
N ILE A 150 0.68 -0.12 22.48
CA ILE A 150 0.53 -0.27 21.04
C ILE A 150 -0.88 0.13 20.60
N SER A 151 -1.87 0.07 21.50
CA SER A 151 -3.20 0.53 21.14
C SER A 151 -3.20 2.03 20.87
N SER A 152 -2.33 2.79 21.51
CA SER A 152 -2.24 4.22 21.22
C SER A 152 -1.29 4.54 20.07
N SER A 153 -0.69 3.54 19.43
CA SER A 153 0.35 3.76 18.44
C SER A 153 -0.21 3.88 17.03
N THR A 154 0.44 4.72 16.22
CA THR A 154 0.15 4.83 14.80
C THR A 154 1.18 4.11 13.94
N ASP A 155 2.07 3.34 14.56
CA ASP A 155 3.09 2.59 13.83
C ASP A 155 2.59 1.18 13.59
N PRO A 156 2.41 0.76 12.33
CA PRO A 156 1.85 -0.59 12.08
C PRO A 156 2.70 -1.71 12.65
N THR A 157 4.03 -1.61 12.56
CA THR A 157 4.89 -2.65 13.13
C THR A 157 4.69 -2.80 14.62
N SER A 158 4.11 -1.81 15.29
CA SER A 158 3.88 -1.90 16.72
C SER A 158 2.59 -2.64 17.05
N TYR A 159 1.52 -2.40 16.27
CA TYR A 159 0.20 -2.92 16.63
C TYR A 159 -0.33 -4.00 15.69
N ASP A 160 0.22 -4.13 14.47
CA ASP A 160 -0.35 -5.06 13.50
C ASP A 160 -0.22 -6.49 14.00
N GLY A 161 -1.35 -7.20 14.07
CA GLY A 161 -1.38 -8.59 14.44
C GLY A 161 -1.49 -8.88 15.92
N PHE A 162 -1.70 -7.85 16.75
CA PHE A 162 -1.68 -8.06 18.20
C PHE A 162 -3.04 -7.88 18.83
N GLY A 163 -4.06 -8.52 18.24
CA GLY A 163 -5.37 -8.64 18.84
C GLY A 163 -6.14 -7.35 18.89
N PRO A 164 -7.38 -7.42 19.39
CA PRO A 164 -8.19 -6.22 19.57
C PRO A 164 -7.51 -5.27 20.54
N PHE A 165 -7.87 -4.00 20.45
CA PHE A 165 -7.10 -2.95 21.08
C PHE A 165 -7.90 -2.26 22.17
N MET A 166 -7.16 -1.63 23.08
CA MET A 166 -7.74 -0.91 24.20
C MET A 166 -8.63 0.22 23.71
N PRO A 167 -9.91 0.27 24.11
CA PRO A 167 -10.75 1.40 23.76
C PRO A 167 -10.43 2.62 24.63
N GLY A 168 -10.95 3.76 24.21
CA GLY A 168 -10.78 5.00 24.93
C GLY A 168 -9.50 5.75 24.64
N PHE A 169 -8.72 5.32 23.65
CA PHE A 169 -7.49 6.01 23.26
C PHE A 169 -7.75 6.71 21.93
N ASP A 170 -7.73 8.04 21.94
CA ASP A 170 -7.85 8.83 20.72
C ASP A 170 -6.48 9.33 20.29
N ILE A 171 -6.35 9.60 18.99
CA ILE A 171 -5.07 10.00 18.41
C ILE A 171 -5.27 11.28 17.61
N ILE A 172 -4.39 12.26 17.84
CA ILE A 172 -4.38 13.50 17.07
C ILE A 172 -2.96 13.71 16.56
N PRO A 173 -2.79 14.57 15.54
CA PRO A 173 -1.44 14.86 15.07
C PRO A 173 -0.57 15.50 16.14
N TYR A 174 0.71 15.16 16.11
CA TYR A 174 1.69 15.84 16.95
C TYR A 174 1.87 17.27 16.47
N ASN A 175 2.30 18.14 17.39
CA ASN A 175 2.63 19.53 17.06
C ASN A 175 1.44 20.25 16.43
N ASP A 176 0.25 20.01 16.96
CA ASP A 176 -0.99 20.52 16.38
C ASP A 176 -1.89 20.99 17.52
N LEU A 177 -1.89 22.29 17.78
CA LEU A 177 -2.72 22.87 18.83
C LEU A 177 -4.19 22.96 18.44
N PRO A 178 -4.54 23.34 17.20
CA PRO A 178 -5.96 23.27 16.81
C PRO A 178 -6.57 21.89 16.95
N ALA A 179 -5.81 20.84 16.61
CA ALA A 179 -6.33 19.48 16.74
C ALA A 179 -6.57 19.11 18.20
N LEU A 180 -5.65 19.50 19.08
CA LEU A 180 -5.85 19.25 20.51
C LEU A 180 -7.06 20.01 21.04
N GLU A 181 -7.21 21.27 20.62
CA GLU A 181 -8.35 22.07 21.04
C GLU A 181 -9.65 21.45 20.57
N ARG A 182 -9.66 20.91 19.35
CA ARG A 182 -10.85 20.23 18.85
C ARG A 182 -11.13 18.94 19.62
N ALA A 183 -10.08 18.18 19.93
CA ALA A 183 -10.28 16.91 20.62
C ALA A 183 -10.75 17.10 22.06
N LEU A 184 -10.30 18.18 22.71
CA LEU A 184 -10.65 18.42 24.10
C LEU A 184 -12.05 18.98 24.30
N GLN A 185 -12.83 19.15 23.22
CA GLN A 185 -14.21 19.56 23.37
C GLN A 185 -15.08 18.48 23.99
N ASP A 186 -14.63 17.22 23.93
CA ASP A 186 -15.35 16.11 24.55
C ASP A 186 -15.09 16.14 26.05
N PRO A 187 -16.11 16.39 26.87
CA PRO A 187 -15.90 16.43 28.33
C PRO A 187 -15.51 15.10 28.92
N ASN A 188 -15.65 13.99 28.19
CA ASN A 188 -15.22 12.69 28.67
C ASN A 188 -13.71 12.48 28.55
N VAL A 189 -13.00 13.41 27.93
CA VAL A 189 -11.54 13.31 27.90
C VAL A 189 -10.99 13.62 29.29
N ALA A 190 -10.17 12.70 29.80
CA ALA A 190 -9.53 12.90 31.09
C ALA A 190 -8.11 13.44 30.99
N ALA A 191 -7.38 13.10 29.93
CA ALA A 191 -5.98 13.47 29.85
C ALA A 191 -5.51 13.53 28.41
N PHE A 192 -4.39 14.22 28.23
CA PHE A 192 -3.62 14.24 26.99
C PHE A 192 -2.18 13.89 27.34
N MET A 193 -1.70 12.76 26.82
CA MET A 193 -0.34 12.31 27.04
C MET A 193 0.50 12.62 25.82
N VAL A 194 1.66 13.25 26.03
CA VAL A 194 2.49 13.67 24.91
C VAL A 194 3.95 13.69 25.36
N GLU A 195 4.85 13.47 24.39
CA GLU A 195 6.28 13.63 24.54
C GLU A 195 6.68 15.04 24.16
N PRO A 196 7.40 15.77 25.02
CA PRO A 196 7.87 17.11 24.63
C PRO A 196 8.77 17.08 23.40
N ILE A 197 9.50 16.00 23.19
CA ILE A 197 10.15 15.69 21.91
C ILE A 197 9.93 14.22 21.64
N GLN A 198 9.42 13.90 20.45
CA GLN A 198 9.15 12.51 20.08
C GLN A 198 10.45 11.83 19.71
N GLY A 199 10.98 11.03 20.64
CA GLY A 199 12.25 10.36 20.42
C GLY A 199 12.19 9.25 19.39
N GLU A 200 11.39 8.22 19.66
CA GLU A 200 11.35 7.06 18.79
C GLU A 200 10.81 7.37 17.40
N ALA A 201 10.05 8.46 17.25
CA ALA A 201 9.54 8.85 15.94
C ALA A 201 10.61 9.47 15.06
N GLY A 202 11.79 9.73 15.59
CA GLY A 202 12.88 10.29 14.80
C GLY A 202 13.36 11.64 15.30
N VAL A 203 13.27 11.85 16.63
CA VAL A 203 13.62 13.11 17.27
C VAL A 203 12.82 14.23 16.60
N VAL A 204 11.50 14.16 16.72
CA VAL A 204 10.60 15.16 16.14
C VAL A 204 10.42 16.26 17.17
N VAL A 205 10.95 17.44 16.87
CA VAL A 205 10.87 18.58 17.78
C VAL A 205 9.65 19.43 17.40
N PRO A 206 8.76 19.71 18.34
CA PRO A 206 7.59 20.54 18.02
C PRO A 206 7.99 22.01 17.91
N ASP A 207 7.08 22.80 17.35
CA ASP A 207 7.32 24.22 17.18
C ASP A 207 7.41 24.91 18.54
N PRO A 208 8.14 26.03 18.63
CA PRO A 208 8.16 26.79 19.88
C PRO A 208 6.75 27.24 20.27
N GLY A 209 6.46 27.13 21.56
CA GLY A 209 5.14 27.47 22.07
C GLY A 209 4.15 26.32 22.10
N TYR A 210 4.52 25.15 21.58
CA TYR A 210 3.58 24.03 21.55
C TYR A 210 3.27 23.54 22.96
N LEU A 211 4.27 23.46 23.83
CA LEU A 211 4.05 22.98 25.19
C LEU A 211 3.23 23.98 26.00
N MET A 212 3.51 25.27 25.84
CA MET A 212 2.68 26.29 26.47
C MET A 212 1.23 26.19 26.00
N GLY A 213 1.03 26.00 24.70
CA GLY A 213 -0.32 25.86 24.19
C GLY A 213 -1.02 24.62 24.72
N VAL A 214 -0.29 23.51 24.84
CA VAL A 214 -0.87 22.29 25.39
C VAL A 214 -1.29 22.51 26.84
N ARG A 215 -0.43 23.16 27.62
CA ARG A 215 -0.77 23.45 29.01
C ARG A 215 -2.01 24.34 29.10
N GLU A 216 -2.05 25.40 28.29
CA GLU A 216 -3.20 26.30 28.31
C GLU A 216 -4.48 25.57 27.94
N LEU A 217 -4.44 24.74 26.90
CA LEU A 217 -5.64 24.03 26.45
C LEU A 217 -6.08 22.99 27.47
N CYS A 218 -5.13 22.29 28.11
CA CYS A 218 -5.48 21.30 29.12
C CYS A 218 -6.09 21.95 30.35
N THR A 219 -5.47 23.02 30.84
CA THR A 219 -6.04 23.74 31.99
C THR A 219 -7.43 24.30 31.66
N ARG A 220 -7.60 24.82 30.44
CA ARG A 220 -8.86 25.46 30.08
C ARG A 220 -10.03 24.47 30.12
N HIS A 221 -9.81 23.24 29.67
CA HIS A 221 -10.89 22.27 29.52
C HIS A 221 -10.87 21.19 30.61
N GLN A 222 -10.18 21.44 31.72
CA GLN A 222 -10.09 20.50 32.85
C GLN A 222 -9.62 19.13 32.37
N VAL A 223 -8.44 19.12 31.75
CA VAL A 223 -7.84 17.91 31.20
C VAL A 223 -6.42 17.80 31.75
N LEU A 224 -6.02 16.59 32.12
CA LEU A 224 -4.70 16.39 32.70
C LEU A 224 -3.62 16.36 31.62
N PHE A 225 -2.56 17.14 31.83
CA PHE A 225 -1.41 17.17 30.93
C PHE A 225 -0.40 16.14 31.43
N ILE A 226 -0.21 15.07 30.66
CA ILE A 226 0.78 14.04 30.96
C ILE A 226 1.96 14.24 30.04
N ALA A 227 3.14 14.51 30.63
CA ALA A 227 4.37 14.69 29.88
C ALA A 227 5.23 13.45 30.05
N ASP A 228 5.41 12.72 28.95
CA ASP A 228 6.28 11.55 28.94
C ASP A 228 7.70 12.02 28.71
N GLU A 229 8.44 12.20 29.81
CA GLU A 229 9.83 12.61 29.76
C GLU A 229 10.78 11.45 30.04
N ILE A 230 10.35 10.22 29.73
CA ILE A 230 11.17 9.05 30.00
C ILE A 230 12.45 9.07 29.17
N GLN A 231 12.40 9.65 27.97
CA GLN A 231 13.58 9.76 27.13
C GLN A 231 14.14 11.18 27.08
N THR A 232 13.28 12.20 27.14
CA THR A 232 13.73 13.59 27.03
C THR A 232 14.13 14.20 28.36
N GLY A 233 13.81 13.56 29.48
CA GLY A 233 14.10 14.11 30.78
C GLY A 233 15.54 13.87 31.23
N LEU A 234 15.85 14.41 32.40
CA LEU A 234 17.11 14.16 33.10
C LEU A 234 18.30 14.60 32.25
N ALA A 235 18.31 15.89 31.92
CA ALA A 235 19.42 16.63 31.31
C ALA A 235 19.71 16.24 29.86
N ARG A 236 18.93 15.35 29.25
CA ARG A 236 19.26 14.88 27.90
C ARG A 236 19.12 16.00 26.86
N THR A 237 18.14 16.89 27.02
CA THR A 237 17.89 17.94 26.05
C THR A 237 18.48 19.29 26.46
N GLY A 238 19.19 19.37 27.58
CA GLY A 238 19.79 20.60 28.04
C GLY A 238 19.15 21.20 29.28
N ARG A 239 18.02 20.66 29.72
CA ARG A 239 17.37 21.08 30.97
C ARG A 239 17.02 19.83 31.76
N TRP A 240 16.63 20.04 33.03
CA TRP A 240 16.15 18.91 33.84
C TRP A 240 15.02 18.17 33.14
N LEU A 241 14.03 18.92 32.66
CA LEU A 241 12.97 18.40 31.82
C LEU A 241 12.91 19.22 30.53
N ALA A 242 12.43 18.58 29.46
CA ALA A 242 12.29 19.30 28.20
C ALA A 242 11.27 20.43 28.33
N VAL A 243 10.19 20.19 29.08
CA VAL A 243 9.17 21.21 29.27
C VAL A 243 9.72 22.46 29.93
N ASP A 244 10.84 22.34 30.65
CA ASP A 244 11.47 23.51 31.25
C ASP A 244 11.91 24.53 30.20
N TYR A 245 12.07 24.12 28.94
CA TYR A 245 12.38 25.07 27.88
C TYR A 245 11.26 26.08 27.67
N GLU A 246 10.05 25.78 28.14
CA GLU A 246 8.94 26.73 28.03
C GLU A 246 8.30 27.01 29.39
N ASN A 247 8.99 26.69 30.48
CA ASN A 247 8.52 26.96 31.84
C ASN A 247 7.12 26.42 32.07
N VAL A 248 6.89 25.19 31.61
CA VAL A 248 5.58 24.55 31.67
C VAL A 248 5.59 23.49 32.77
N ARG A 249 4.55 23.47 33.59
CA ARG A 249 4.40 22.47 34.64
C ARG A 249 3.31 21.48 34.26
N PRO A 250 3.65 20.29 33.79
CA PRO A 250 2.63 19.29 33.49
C PRO A 250 1.94 18.79 34.74
N ASP A 251 0.75 18.22 34.55
CA ASP A 251 0.02 17.63 35.66
C ASP A 251 0.68 16.33 36.12
N ILE A 252 1.14 15.51 35.18
CA ILE A 252 1.83 14.26 35.48
C ILE A 252 3.13 14.24 34.69
N VAL A 253 4.21 13.82 35.32
CA VAL A 253 5.51 13.72 34.67
C VAL A 253 6.00 12.28 34.76
N LEU A 254 6.41 11.72 33.63
CA LEU A 254 6.91 10.35 33.58
C LEU A 254 8.43 10.38 33.43
N LEU A 255 9.12 9.71 34.35
CA LEU A 255 10.56 9.59 34.30
C LEU A 255 10.96 8.12 34.22
N GLY A 256 12.11 7.88 33.62
CA GLY A 256 12.67 6.54 33.55
C GLY A 256 14.05 6.54 32.95
N LYS A 257 14.42 5.43 32.31
CA LYS A 257 15.68 5.32 31.56
C LYS A 257 16.90 5.78 32.36
N ALA A 258 17.25 7.06 32.21
CA ALA A 258 18.44 7.61 32.85
C ALA A 258 18.28 7.71 34.35
N LEU A 259 17.06 7.48 34.84
CA LEU A 259 16.78 7.55 36.27
C LEU A 259 17.69 6.63 37.08
N SER A 260 18.29 5.62 36.44
CA SER A 260 19.20 4.71 37.11
C SER A 260 20.60 4.68 36.52
N GLY A 261 20.84 5.43 35.44
CA GLY A 261 22.14 5.36 34.79
C GLY A 261 22.41 4.05 34.09
N GLY A 262 21.37 3.29 33.77
CA GLY A 262 21.52 2.03 33.07
C GLY A 262 21.85 0.83 33.93
N LEU A 263 21.79 0.97 35.26
CA LEU A 263 22.17 -0.10 36.17
C LEU A 263 20.98 -0.87 36.74
N TYR A 264 19.76 -0.38 36.52
CA TYR A 264 18.57 -0.99 37.11
C TYR A 264 17.33 -0.42 36.45
N PRO A 265 16.29 -1.22 36.21
CA PRO A 265 15.04 -0.66 35.67
C PRO A 265 14.28 0.12 36.72
N VAL A 266 14.33 1.45 36.65
CA VAL A 266 13.62 2.32 37.58
C VAL A 266 12.85 3.36 36.79
N SER A 267 11.56 3.52 37.13
CA SER A 267 10.74 4.56 36.52
C SER A 267 9.90 5.21 37.61
N ALA A 268 9.37 6.39 37.30
CA ALA A 268 8.69 7.20 38.29
C ALA A 268 7.52 7.96 37.64
N VAL A 269 6.44 8.10 38.41
CA VAL A 269 5.28 8.90 38.02
C VAL A 269 5.14 10.01 39.06
N LEU A 270 5.35 11.26 38.65
CA LEU A 270 5.33 12.40 39.55
C LEU A 270 4.04 13.19 39.37
N CYS A 271 3.35 13.48 40.47
CA CYS A 271 2.18 14.36 40.41
C CYS A 271 1.79 14.77 41.82
N ASP A 272 0.81 15.69 41.89
CA ASP A 272 0.32 16.26 43.13
C ASP A 272 -0.76 15.37 43.75
N ASP A 273 -1.12 15.71 45.00
CA ASP A 273 -2.01 14.85 45.78
C ASP A 273 -3.38 14.70 45.13
N ASP A 274 -3.92 15.80 44.57
CA ASP A 274 -5.24 15.76 43.95
C ASP A 274 -5.34 14.66 42.89
N ILE A 275 -4.24 14.34 42.24
CA ILE A 275 -4.19 13.28 41.23
C ILE A 275 -3.72 11.97 41.84
N MET A 276 -2.63 12.01 42.61
CA MET A 276 -2.00 10.79 43.09
C MET A 276 -2.92 10.02 44.02
N LEU A 277 -3.59 10.71 44.94
CA LEU A 277 -4.39 10.04 45.96
C LEU A 277 -5.72 9.52 45.45
N THR A 278 -5.95 9.54 44.13
CA THR A 278 -7.13 8.86 43.59
C THR A 278 -6.97 7.34 43.60
N ILE A 279 -5.73 6.86 43.63
CA ILE A 279 -5.46 5.44 43.79
C ILE A 279 -5.28 5.12 45.27
N LYS A 280 -6.06 4.19 45.77
CA LYS A 280 -6.11 3.83 47.17
C LYS A 280 -5.26 2.58 47.44
N PRO A 281 -4.97 2.29 48.70
CA PRO A 281 -4.12 1.13 49.01
C PRO A 281 -4.68 -0.16 48.42
N GLY A 282 -3.81 -0.92 47.77
CA GLY A 282 -4.16 -2.18 47.15
C GLY A 282 -4.66 -2.07 45.71
N GLU A 283 -4.83 -0.87 45.19
CA GLU A 283 -5.44 -0.66 43.88
C GLU A 283 -4.42 -0.52 42.76
N HIS A 284 -3.12 -0.53 43.06
CA HIS A 284 -2.09 -0.46 42.04
C HIS A 284 -0.75 -0.75 42.69
N GLY A 285 0.17 -1.31 41.92
CA GLY A 285 1.50 -1.56 42.42
C GLY A 285 2.29 -2.45 41.47
N SER A 286 3.41 -2.93 41.99
CA SER A 286 4.33 -3.77 41.24
C SER A 286 5.29 -4.47 42.19
N TYR A 288 8.82 -5.38 41.93
CA TYR A 288 10.12 -4.79 42.20
C TYR A 288 10.03 -3.27 42.33
N GLY A 289 8.83 -2.75 42.19
CA GLY A 289 8.60 -1.32 42.30
C GLY A 289 8.95 -0.75 43.66
N GLY A 290 9.91 0.18 43.69
CA GLY A 290 10.30 0.81 44.93
C GLY A 290 11.26 0.02 45.79
N ASN A 291 11.96 -0.95 45.21
CA ASN A 291 12.88 -1.75 45.98
C ASN A 291 14.09 -0.92 46.42
N PRO A 292 14.76 -1.31 47.51
CA PRO A 292 15.85 -0.47 48.04
C PRO A 292 17.03 -0.33 47.09
N LEU A 293 17.38 -1.39 46.36
CA LEU A 293 18.53 -1.34 45.47
C LEU A 293 18.33 -0.31 44.37
N GLY A 294 17.20 -0.40 43.67
CA GLY A 294 16.89 0.57 42.64
C GLY A 294 16.76 1.99 43.18
N CYS A 295 16.30 2.13 44.43
CA CYS A 295 16.16 3.46 45.01
C CYS A 295 17.52 4.08 45.28
N ARG A 296 18.46 3.30 45.86
CA ARG A 296 19.82 3.80 46.02
C ARG A 296 20.44 4.16 44.67
N VAL A 297 20.25 3.30 43.66
CA VAL A 297 20.81 3.55 42.35
C VAL A 297 20.23 4.84 41.76
N ALA A 298 18.93 5.06 41.92
CA ALA A 298 18.29 6.24 41.35
C ALA A 298 18.73 7.51 42.08
N ILE A 299 18.87 7.43 43.40
CA ILE A 299 19.41 8.56 44.16
C ILE A 299 20.78 8.93 43.63
N ALA A 300 21.65 7.93 43.45
CA ALA A 300 23.00 8.21 42.95
C ALA A 300 22.96 8.79 41.54
N ALA A 301 22.06 8.30 40.69
CA ALA A 301 21.98 8.79 39.31
C ALA A 301 21.53 10.25 39.29
N LEU A 302 20.50 10.59 40.06
CA LEU A 302 20.05 11.97 40.12
C LEU A 302 21.12 12.89 40.70
N GLU A 303 21.84 12.42 41.72
CA GLU A 303 22.91 13.22 42.28
C GLU A 303 24.03 13.43 41.27
N VAL A 304 24.31 12.43 40.45
CA VAL A 304 25.34 12.59 39.41
C VAL A 304 24.88 13.59 38.37
N LEU A 305 23.60 13.54 37.99
CA LEU A 305 23.07 14.52 37.04
C LEU A 305 23.17 15.94 37.60
N GLU A 306 22.92 16.11 38.89
CA GLU A 306 22.90 17.46 39.45
C GLU A 306 24.31 17.99 39.73
N GLU A 307 25.21 17.16 40.27
CA GLU A 307 26.51 17.64 40.69
C GLU A 307 27.39 18.01 39.49
N GLU A 308 27.36 17.21 38.44
CA GLU A 308 28.23 17.42 37.28
C GLU A 308 27.65 18.38 36.26
N ASN A 309 26.46 18.93 36.52
CA ASN A 309 25.85 19.96 35.66
C ASN A 309 25.75 19.47 34.21
N LEU A 310 25.15 18.28 34.05
CA LEU A 310 25.14 17.63 32.75
C LEU A 310 24.16 18.27 31.78
N ALA A 311 23.16 19.01 32.27
CA ALA A 311 22.23 19.69 31.36
C ALA A 311 22.93 20.81 30.61
N GLU A 312 23.77 21.58 31.29
CA GLU A 312 24.50 22.67 30.62
C GLU A 312 25.47 22.11 29.59
N ASN A 313 26.18 21.04 29.94
CA ASN A 313 27.08 20.39 28.98
C ASN A 313 26.30 19.86 27.79
N ALA A 314 25.15 19.24 28.04
CA ALA A 314 24.31 18.76 26.96
C ALA A 314 23.93 19.90 26.03
N ASP A 315 23.49 21.02 26.60
CA ASP A 315 23.09 22.17 25.78
C ASP A 315 24.25 22.68 24.92
N LYS A 316 25.40 22.94 25.55
CA LYS A 316 26.54 23.50 24.81
C LYS A 316 27.02 22.55 23.72
N LEU A 317 27.28 21.28 24.09
CA LEU A 317 27.81 20.34 23.12
C LEU A 317 26.78 19.97 22.06
N GLY A 318 25.48 20.08 22.37
CA GLY A 318 24.48 19.86 21.35
C GLY A 318 24.43 21.00 20.35
N ILE A 319 24.60 22.24 20.83
CA ILE A 319 24.75 23.36 19.91
C ILE A 319 25.93 23.12 18.98
N ILE A 320 27.07 22.71 19.53
CA ILE A 320 28.26 22.45 18.71
C ILE A 320 27.99 21.31 17.72
N LEU A 321 27.36 20.24 18.19
CA LEU A 321 27.11 19.07 17.34
C LEU A 321 26.16 19.42 16.19
N ARG A 322 25.10 20.16 16.47
CA ARG A 322 24.16 20.53 15.41
C ARG A 322 24.79 21.52 14.44
N ASN A 323 25.63 22.43 14.92
CA ASN A 323 26.33 23.33 14.01
C ASN A 323 27.25 22.55 13.08
N GLU A 324 27.97 21.55 13.61
CA GLU A 324 28.89 20.79 12.78
C GLU A 324 28.15 19.88 11.80
N LEU A 325 27.03 19.29 12.23
CA LEU A 325 26.32 18.35 11.38
C LEU A 325 25.69 19.02 10.17
N MET A 326 25.27 20.29 10.31
CA MET A 326 24.64 20.98 9.20
C MET A 326 25.62 21.36 8.09
N LYS A 327 26.92 21.16 8.30
CA LYS A 327 27.92 21.39 7.26
C LYS A 327 27.94 20.27 6.22
N LEU A 328 27.23 19.18 6.46
CA LEU A 328 27.17 18.08 5.52
C LEU A 328 26.42 18.50 4.25
N PRO A 329 26.66 17.83 3.13
CA PRO A 329 26.01 18.24 1.88
C PRO A 329 24.49 18.05 1.94
N SER A 330 23.78 18.97 1.29
CA SER A 330 22.33 18.85 1.19
C SER A 330 21.92 17.64 0.38
N ASP A 331 22.71 17.26 -0.63
CA ASP A 331 22.48 16.04 -1.37
C ASP A 331 22.69 14.79 -0.52
N VAL A 332 23.25 14.94 0.68
CA VAL A 332 23.60 13.83 1.55
C VAL A 332 22.70 13.79 2.79
N VAL A 333 22.63 14.90 3.51
CA VAL A 333 21.83 15.01 4.73
C VAL A 333 20.77 16.07 4.49
N THR A 334 19.50 15.64 4.45
CA THR A 334 18.42 16.55 4.12
C THR A 334 17.97 17.40 5.30
N ALA A 335 18.23 16.97 6.54
CA ALA A 335 17.87 17.78 7.69
C ALA A 335 18.61 17.28 8.92
N VAL A 336 18.90 18.22 9.82
CA VAL A 336 19.47 17.95 11.14
C VAL A 336 18.57 18.61 12.16
N ARG A 337 18.18 17.85 13.19
CA ARG A 337 17.25 18.38 14.19
C ARG A 337 17.62 17.83 15.55
N GLY A 338 17.01 18.41 16.59
CA GLY A 338 17.22 17.94 17.94
C GLY A 338 17.39 19.04 18.97
N LYS A 339 17.53 18.63 20.23
CA LYS A 339 17.79 19.55 21.34
C LYS A 339 18.78 18.90 22.29
N GLY A 340 19.63 19.74 22.88
CA GLY A 340 20.68 19.23 23.74
C GLY A 340 21.49 18.16 23.05
N LEU A 341 21.76 17.07 23.77
CA LEU A 341 22.47 15.92 23.22
C LEU A 341 21.52 14.83 22.73
N LEU A 342 20.34 15.23 22.24
CA LEU A 342 19.41 14.32 21.58
C LEU A 342 19.16 14.90 20.19
N ASN A 343 19.81 14.33 19.17
CA ASN A 343 19.74 14.89 17.84
C ASN A 343 19.55 13.76 16.83
N ALA A 344 19.24 14.15 15.59
CA ALA A 344 19.05 13.18 14.52
C ALA A 344 19.30 13.86 13.18
N ILE A 345 19.87 13.10 12.26
CA ILE A 345 20.00 13.54 10.87
C ILE A 345 19.12 12.63 10.02
N VAL A 346 18.66 13.15 8.89
CA VAL A 346 17.87 12.35 7.96
C VAL A 346 18.61 12.26 6.63
N ILE A 347 18.58 11.08 6.03
CA ILE A 347 19.42 10.74 4.89
C ILE A 347 18.56 10.62 3.64
N LYS A 348 19.02 11.23 2.55
CA LYS A 348 18.41 11.02 1.24
C LYS A 348 18.70 9.60 0.76
N GLU A 349 17.80 8.67 1.06
CA GLU A 349 18.01 7.27 0.70
C GLU A 349 17.96 7.10 -0.81
N THR A 350 18.95 6.40 -1.36
CA THR A 350 19.00 6.12 -2.79
C THR A 350 19.17 4.63 -3.04
N LYS A 351 19.47 4.26 -4.27
CA LYS A 351 19.83 2.89 -4.63
C LYS A 351 21.30 2.60 -4.39
N ASP A 352 22.03 3.52 -3.76
CA ASP A 352 23.46 3.38 -3.51
C ASP A 352 23.81 3.28 -2.03
N TRP A 353 22.97 3.82 -1.15
CA TRP A 353 23.26 3.83 0.28
C TRP A 353 21.94 4.01 1.03
N ASP A 354 22.03 3.93 2.36
CA ASP A 354 20.90 4.13 3.25
C ASP A 354 21.44 4.30 4.66
N ALA A 355 20.55 4.58 5.61
CA ALA A 355 20.97 4.83 6.98
C ALA A 355 21.61 3.60 7.62
N TRP A 356 21.16 2.40 7.23
CA TRP A 356 21.74 1.18 7.79
C TRP A 356 23.19 1.01 7.34
N LYS A 357 23.48 1.28 6.06
CA LYS A 357 24.85 1.20 5.59
C LYS A 357 25.73 2.28 6.23
N VAL A 358 25.16 3.46 6.45
CA VAL A 358 25.90 4.52 7.12
C VAL A 358 26.25 4.10 8.55
N CYS A 359 25.31 3.45 9.24
CA CYS A 359 25.60 3.00 10.60
C CYS A 359 26.60 1.86 10.62
N LEU A 360 26.53 0.97 9.62
CA LEU A 360 27.55 -0.07 9.50
C LEU A 360 28.94 0.52 9.33
N ARG A 361 29.06 1.51 8.44
CA ARG A 361 30.36 2.12 8.21
C ARG A 361 30.82 2.94 9.41
N LEU A 362 29.89 3.58 10.13
CA LEU A 362 30.22 4.25 11.37
C LEU A 362 30.80 3.27 12.38
N ARG A 363 30.15 2.11 12.53
CA ARG A 363 30.71 1.05 13.36
C ARG A 363 32.11 0.67 12.90
N ASP A 364 32.31 0.57 11.58
CA ASP A 364 33.64 0.25 11.05
C ASP A 364 34.65 1.33 11.40
N ASN A 365 34.22 2.57 11.60
CA ASN A 365 35.10 3.68 11.91
C ASN A 365 35.12 4.05 13.38
N GLY A 366 34.49 3.24 14.24
CA GLY A 366 34.58 3.44 15.67
C GLY A 366 33.49 4.26 16.32
N LEU A 367 32.29 4.27 15.72
CA LEU A 367 31.16 5.01 16.28
C LEU A 367 29.91 4.18 16.13
N LEU A 368 29.16 4.00 17.22
CA LEU A 368 27.99 3.12 17.23
C LEU A 368 26.72 3.96 17.24
N ALA A 369 25.91 3.78 16.21
CA ALA A 369 24.59 4.39 16.11
C ALA A 369 23.66 3.43 15.39
N LYS A 370 22.37 3.77 15.38
CA LYS A 370 21.39 2.91 14.75
C LYS A 370 20.30 3.73 14.08
N PRO A 371 19.84 3.35 12.89
CA PRO A 371 18.74 4.07 12.25
C PRO A 371 17.41 3.67 12.84
N THR A 372 16.45 4.60 12.75
CA THR A 372 15.11 4.37 13.26
C THR A 372 14.06 4.24 12.17
N HIS A 373 14.36 4.64 10.93
CA HIS A 373 13.40 4.52 9.83
C HIS A 373 14.09 4.35 8.48
N GLY A 374 15.28 3.77 8.46
CA GLY A 374 16.01 3.59 7.22
C GLY A 374 16.52 4.85 6.57
N ASP A 375 16.37 6.00 7.22
CA ASP A 375 16.90 7.25 6.68
C ASP A 375 17.22 8.23 7.81
N ILE A 376 16.73 7.94 9.01
CA ILE A 376 16.93 8.80 10.18
C ILE A 376 17.92 8.12 11.11
N ILE A 377 19.04 8.80 11.39
CA ILE A 377 20.08 8.30 12.27
C ILE A 377 20.12 9.17 13.51
N ARG A 378 20.10 8.52 14.68
CA ARG A 378 20.12 9.21 15.96
C ARG A 378 21.56 9.46 16.41
N PHE A 379 21.78 10.64 16.99
CA PHE A 379 23.06 11.00 17.60
C PHE A 379 22.77 11.48 19.01
N ALA A 380 23.17 10.68 20.00
CA ALA A 380 22.91 10.98 21.41
C ALA A 380 23.98 10.34 22.26
N PRO A 381 25.17 10.95 22.31
CA PRO A 381 26.23 10.43 23.18
C PRO A 381 25.93 10.71 24.64
N PRO A 382 26.56 9.99 25.57
CA PRO A 382 26.33 10.26 26.98
C PRO A 382 26.72 11.69 27.34
N LEU A 383 25.98 12.27 28.28
CA LEU A 383 26.15 13.68 28.64
C LEU A 383 27.47 13.97 29.33
N VAL A 384 28.27 12.94 29.64
CA VAL A 384 29.59 13.14 30.22
C VAL A 384 30.67 13.37 29.18
N ILE A 385 30.30 13.37 27.90
CA ILE A 385 31.29 13.57 26.84
C ILE A 385 31.85 14.99 26.92
N LYS A 386 33.11 15.13 26.53
CA LYS A 386 33.79 16.42 26.52
C LYS A 386 33.84 16.96 25.09
N GLU A 387 34.29 18.21 24.96
CA GLU A 387 34.28 18.87 23.66
C GLU A 387 35.29 18.24 22.70
N ASP A 388 36.46 17.85 23.20
CA ASP A 388 37.45 17.22 22.33
C ASP A 388 36.98 15.84 21.87
N GLU A 389 36.42 15.06 22.78
CA GLU A 389 35.85 13.77 22.40
C GLU A 389 34.68 13.95 21.43
N LEU A 390 33.84 14.96 21.68
CA LEU A 390 32.73 15.26 20.77
C LEU A 390 33.24 15.59 19.38
N ARG A 391 34.28 16.41 19.28
CA ARG A 391 34.79 16.81 17.97
C ARG A 391 35.51 15.66 17.28
N GLU A 392 36.16 14.76 18.03
CA GLU A 392 36.73 13.59 17.40
C GLU A 392 35.65 12.68 16.83
N SER A 393 34.56 12.48 17.56
CA SER A 393 33.46 11.67 17.04
C SER A 393 32.77 12.37 15.86
N ILE A 394 32.71 13.70 15.88
CA ILE A 394 32.20 14.44 14.74
C ILE A 394 33.10 14.23 13.52
N GLU A 395 34.40 14.19 13.74
CA GLU A 395 35.34 13.87 12.66
C GLU A 395 35.09 12.46 12.13
N ILE A 396 34.80 11.52 13.02
CA ILE A 396 34.44 10.16 12.59
C ILE A 396 33.20 10.19 11.71
N ILE A 397 32.18 10.94 12.13
CA ILE A 397 30.94 11.03 11.36
C ILE A 397 31.22 11.66 9.99
N ASN A 398 32.05 12.70 9.96
CA ASN A 398 32.39 13.34 8.69
C ASN A 398 33.11 12.37 7.77
N LYS A 399 34.11 11.66 8.28
CA LYS A 399 34.81 10.65 7.50
C LYS A 399 33.85 9.63 6.92
N THR A 400 32.96 9.08 7.76
CA THR A 400 32.03 8.06 7.30
C THR A 400 31.08 8.60 6.24
N ILE A 401 30.51 9.78 6.48
CA ILE A 401 29.48 10.31 5.60
C ILE A 401 30.06 10.76 4.26
N LEU A 402 31.28 11.32 4.28
CA LEU A 402 31.95 11.71 3.05
C LEU A 402 32.68 10.56 2.38
N SER A 403 32.72 9.38 3.00
CA SER A 403 33.32 8.21 2.38
C SER A 403 32.40 7.54 1.37
N PHE A 404 31.18 8.04 1.19
CA PHE A 404 30.25 7.45 0.22
C PHE A 404 30.33 8.17 -1.12
N PRO B 2 -2.38 -60.03 -20.54
CA PRO B 2 -1.95 -59.62 -21.88
C PRO B 2 -0.57 -58.86 -21.78
N PRO B 3 -0.35 -57.61 -22.22
CA PRO B 3 1.02 -57.09 -22.11
C PRO B 3 1.33 -56.50 -20.75
N THR B 4 2.59 -56.64 -20.36
CA THR B 4 3.10 -56.04 -19.14
C THR B 4 3.52 -54.60 -19.41
N SER B 5 4.02 -53.92 -18.37
CA SER B 5 4.47 -52.54 -18.54
C SER B 5 5.75 -52.48 -19.36
N ASP B 6 6.66 -53.43 -19.13
CA ASP B 6 7.89 -53.47 -19.93
C ASP B 6 7.60 -53.75 -21.40
N ASP B 7 6.58 -54.58 -21.67
CA ASP B 7 6.17 -54.81 -23.05
C ASP B 7 5.70 -53.51 -23.70
N ILE B 8 4.91 -52.72 -22.97
CA ILE B 8 4.47 -51.43 -23.47
C ILE B 8 5.65 -50.51 -23.74
N PHE B 9 6.62 -50.49 -22.82
CA PHE B 9 7.81 -49.67 -23.00
C PHE B 9 8.56 -50.06 -24.27
N GLU B 10 8.84 -51.36 -24.44
CA GLU B 10 9.58 -51.83 -25.60
C GLU B 10 8.82 -51.56 -26.89
N ARG B 11 7.49 -51.74 -26.87
CA ARG B 11 6.70 -51.54 -28.07
C ARG B 11 6.72 -50.08 -28.50
N GLU B 12 6.53 -49.15 -27.55
CA GLU B 12 6.60 -47.74 -27.89
C GLU B 12 8.01 -47.34 -28.32
N TYR B 13 9.04 -47.94 -27.71
CA TYR B 13 10.41 -47.66 -28.12
C TYR B 13 10.67 -48.12 -29.55
N LYS B 14 10.02 -49.21 -29.97
CA LYS B 14 10.27 -49.73 -31.31
C LYS B 14 9.50 -48.96 -32.37
N TYR B 15 8.20 -48.73 -32.14
CA TYR B 15 7.35 -48.18 -33.19
C TYR B 15 7.02 -46.70 -33.01
N GLY B 16 7.40 -46.09 -31.90
CA GLY B 16 7.11 -44.68 -31.70
C GLY B 16 8.33 -43.80 -31.74
N ALA B 17 8.14 -42.51 -32.00
CA ALA B 17 9.25 -41.57 -31.96
C ALA B 17 9.79 -41.45 -30.54
N HIS B 18 11.08 -41.13 -30.44
CA HIS B 18 11.77 -41.01 -29.15
C HIS B 18 11.82 -39.57 -28.69
N ASN B 19 10.71 -38.83 -28.80
CA ASN B 19 10.68 -37.43 -28.42
C ASN B 19 10.30 -37.22 -26.96
N TYR B 20 10.12 -38.29 -26.19
CA TYR B 20 9.82 -38.18 -24.76
C TYR B 20 10.65 -39.20 -23.99
N HIS B 21 10.85 -38.90 -22.70
CA HIS B 21 11.44 -39.82 -21.75
C HIS B 21 10.53 -39.87 -20.54
N PRO B 22 9.39 -40.56 -20.64
CA PRO B 22 8.41 -40.53 -19.54
C PRO B 22 8.91 -41.31 -18.33
N LEU B 23 8.24 -41.07 -17.22
CA LEU B 23 8.47 -41.86 -16.02
C LEU B 23 8.02 -43.29 -16.28
N PRO B 24 8.83 -44.29 -15.96
CA PRO B 24 8.46 -45.68 -16.26
C PRO B 24 7.23 -46.16 -15.51
N VAL B 25 6.06 -45.88 -16.05
CA VAL B 25 4.79 -46.40 -15.54
C VAL B 25 3.78 -46.41 -16.67
N ALA B 26 3.07 -47.52 -16.82
CA ALA B 26 2.16 -47.74 -17.94
C ALA B 26 0.73 -47.75 -17.41
N LEU B 27 0.06 -46.61 -17.53
CA LEU B 27 -1.28 -46.46 -16.97
C LEU B 27 -2.34 -47.02 -17.92
N GLU B 28 -3.35 -47.67 -17.35
CA GLU B 28 -4.46 -48.22 -18.11
C GLU B 28 -5.81 -47.66 -17.72
N ARG B 29 -6.01 -47.27 -16.47
CA ARG B 29 -7.28 -46.70 -16.03
C ARG B 29 -7.05 -45.39 -15.28
N GLY B 30 -8.09 -44.56 -15.25
CA GLY B 30 -8.05 -43.33 -14.50
C GLY B 30 -9.42 -42.86 -14.10
N LYS B 31 -9.59 -42.50 -12.84
CA LYS B 31 -10.85 -41.96 -12.36
C LYS B 31 -10.59 -41.02 -11.20
N GLY B 32 -11.14 -39.81 -11.29
CA GLY B 32 -10.96 -38.82 -10.24
C GLY B 32 -9.49 -38.49 -10.07
N ILE B 33 -8.99 -38.69 -8.85
CA ILE B 33 -7.62 -38.34 -8.52
C ILE B 33 -6.71 -39.56 -8.67
N TYR B 34 -7.27 -40.67 -9.17
CA TYR B 34 -6.58 -41.95 -9.13
C TYR B 34 -6.24 -42.44 -10.53
N LEU B 35 -5.08 -43.09 -10.64
CA LEU B 35 -4.65 -43.77 -11.85
C LEU B 35 -4.30 -45.20 -11.52
N TRP B 36 -4.48 -46.09 -12.49
CA TRP B 36 -4.19 -47.52 -12.35
C TRP B 36 -3.36 -47.99 -13.53
N ASP B 37 -2.28 -48.71 -13.24
CA ASP B 37 -1.43 -49.26 -14.28
C ASP B 37 -1.91 -50.65 -14.67
N VAL B 38 -1.26 -51.23 -15.69
CA VAL B 38 -1.72 -52.49 -16.24
C VAL B 38 -1.56 -53.66 -15.27
N GLU B 39 -0.71 -53.53 -14.26
CA GLU B 39 -0.60 -54.56 -13.23
C GLU B 39 -1.67 -54.44 -12.15
N GLY B 40 -2.40 -53.33 -12.12
CA GLY B 40 -3.45 -53.13 -11.13
C GLY B 40 -3.07 -52.24 -9.97
N ARG B 41 -1.86 -51.67 -9.97
CA ARG B 41 -1.43 -50.81 -8.88
C ARG B 41 -2.09 -49.44 -8.97
N LYS B 42 -2.36 -48.86 -7.80
CA LYS B 42 -3.09 -47.61 -7.67
C LYS B 42 -2.14 -46.48 -7.34
N TYR B 43 -2.34 -45.33 -7.97
CA TYR B 43 -1.47 -44.17 -7.79
C TYR B 43 -2.29 -42.91 -7.64
N PHE B 44 -1.87 -42.05 -6.70
CA PHE B 44 -2.33 -40.67 -6.70
C PHE B 44 -1.74 -39.94 -7.91
N ASP B 45 -2.58 -39.23 -8.65
CA ASP B 45 -2.12 -38.43 -9.78
C ASP B 45 -1.80 -37.03 -9.28
N PHE B 46 -0.50 -36.72 -9.17
CA PHE B 46 -0.05 -35.39 -8.76
C PHE B 46 0.52 -34.60 -9.92
N LEU B 47 0.19 -34.97 -11.15
CA LEU B 47 0.52 -34.20 -12.33
C LEU B 47 -0.70 -33.64 -13.03
N SER B 48 -1.84 -34.34 -12.97
CA SER B 48 -3.09 -33.89 -13.56
C SER B 48 -2.98 -33.66 -15.05
N SER B 49 -2.09 -34.39 -15.72
CA SER B 49 -1.82 -34.21 -17.14
C SER B 49 -1.47 -32.74 -17.44
N TYR B 50 -0.67 -32.15 -16.55
CA TYR B 50 -0.29 -30.74 -16.65
C TYR B 50 -1.52 -29.83 -16.66
N SER B 51 -2.38 -30.02 -15.65
CA SER B 51 -3.58 -29.21 -15.43
C SER B 51 -4.60 -29.41 -16.54
N ALA B 52 -4.66 -30.60 -17.14
CA ALA B 52 -5.68 -30.91 -18.13
C ALA B 52 -6.87 -31.66 -17.55
N VAL B 53 -6.66 -32.44 -16.48
CA VAL B 53 -7.77 -33.11 -15.80
C VAL B 53 -7.95 -32.47 -14.43
N ASN B 54 -8.12 -31.15 -14.41
CA ASN B 54 -8.47 -30.45 -13.17
C ASN B 54 -9.73 -31.04 -12.56
N GLN B 55 -10.66 -31.49 -13.38
CA GLN B 55 -11.92 -32.07 -12.92
C GLN B 55 -11.79 -33.54 -12.55
N GLY B 56 -10.58 -34.10 -12.59
CA GLY B 56 -10.39 -35.51 -12.37
C GLY B 56 -10.49 -36.32 -13.66
N HIS B 57 -9.87 -37.50 -13.63
CA HIS B 57 -9.90 -38.38 -14.79
C HIS B 57 -11.32 -38.89 -15.03
N CYS B 58 -11.81 -38.70 -16.26
CA CYS B 58 -13.10 -39.26 -16.69
C CYS B 58 -14.24 -38.82 -15.77
N HIS B 59 -14.42 -37.50 -15.67
CA HIS B 59 -15.52 -36.99 -14.86
C HIS B 59 -16.85 -37.41 -15.48
N PRO B 60 -17.78 -37.94 -14.69
CA PRO B 60 -19.00 -38.53 -15.29
C PRO B 60 -19.80 -37.55 -16.13
N LYS B 61 -19.85 -36.28 -15.75
CA LYS B 61 -20.64 -35.31 -16.52
C LYS B 61 -20.01 -35.04 -17.89
N ILE B 62 -18.69 -34.86 -17.93
CA ILE B 62 -18.01 -34.64 -19.20
C ILE B 62 -18.07 -35.90 -20.06
N VAL B 63 -17.87 -37.06 -19.45
CA VAL B 63 -18.00 -38.32 -20.17
C VAL B 63 -19.39 -38.47 -20.77
N ASN B 64 -20.42 -38.08 -20.01
CA ASN B 64 -21.78 -38.21 -20.49
C ASN B 64 -22.06 -37.23 -21.63
N ALA B 65 -21.52 -36.02 -21.54
CA ALA B 65 -21.66 -35.06 -22.65
C ALA B 65 -21.01 -35.60 -23.92
N LEU B 66 -19.81 -36.17 -23.78
CA LEU B 66 -19.14 -36.76 -24.94
C LEU B 66 -19.96 -37.89 -25.53
N LYS B 67 -20.43 -38.81 -24.68
CA LYS B 67 -21.22 -39.94 -25.16
C LYS B 67 -22.54 -39.50 -25.79
N SER B 68 -23.11 -38.40 -25.31
CA SER B 68 -24.38 -37.92 -25.85
C SER B 68 -24.18 -37.27 -27.21
N GLN B 69 -23.16 -36.42 -27.36
CA GLN B 69 -23.01 -35.70 -28.61
C GLN B 69 -22.47 -36.58 -29.73
N VAL B 70 -21.68 -37.61 -29.40
CA VAL B 70 -21.02 -38.41 -30.43
C VAL B 70 -22.03 -39.20 -31.27
N ASP B 71 -23.22 -39.47 -30.74
CA ASP B 71 -24.25 -40.16 -31.51
C ASP B 71 -25.03 -39.23 -32.43
N LYS B 72 -24.87 -37.91 -32.28
CA LYS B 72 -25.61 -36.94 -33.08
C LYS B 72 -24.76 -36.37 -34.20
N LEU B 73 -23.63 -35.74 -33.86
CA LEU B 73 -22.82 -35.01 -34.83
C LEU B 73 -21.50 -34.60 -34.21
N THR B 74 -20.38 -34.94 -34.85
CA THR B 74 -19.06 -34.65 -34.30
C THR B 74 -18.29 -33.59 -35.07
N LEU B 75 -18.46 -33.49 -36.39
CA LEU B 75 -17.67 -32.55 -37.17
C LEU B 75 -18.36 -32.27 -38.49
N THR B 76 -18.69 -31.00 -38.73
CA THR B 76 -19.16 -30.52 -40.02
C THR B 76 -18.15 -29.65 -40.74
N SER B 77 -17.01 -29.36 -40.10
CA SER B 77 -16.10 -28.27 -40.48
C SER B 77 -16.81 -26.93 -40.36
N ARG B 78 -16.05 -25.85 -40.44
CA ARG B 78 -16.62 -24.51 -40.27
C ARG B 78 -17.13 -23.92 -41.58
N ALA B 79 -17.15 -24.69 -42.66
CA ALA B 79 -17.83 -24.26 -43.87
C ALA B 79 -19.35 -24.29 -43.70
N PHE B 80 -19.84 -25.02 -42.70
CA PHE B 80 -21.25 -25.04 -42.34
C PHE B 80 -21.40 -24.69 -40.87
N TYR B 81 -22.61 -24.29 -40.48
CA TYR B 81 -22.90 -24.05 -39.07
C TYR B 81 -23.31 -25.35 -38.40
N ASN B 82 -22.90 -25.51 -37.14
CA ASN B 82 -23.44 -26.55 -36.28
C ASN B 82 -24.14 -25.87 -35.10
N ASN B 83 -25.11 -26.58 -34.52
CA ASN B 83 -25.98 -25.96 -33.53
C ASN B 83 -25.35 -25.85 -32.15
N VAL B 84 -24.17 -26.45 -31.92
CA VAL B 84 -23.58 -26.44 -30.59
C VAL B 84 -22.61 -25.28 -30.39
N LEU B 85 -21.92 -24.84 -31.44
CA LEU B 85 -20.81 -23.91 -31.28
C LEU B 85 -21.27 -22.59 -30.66
N GLY B 86 -22.37 -22.03 -31.17
CA GLY B 86 -22.82 -20.73 -30.68
C GLY B 86 -23.20 -20.75 -29.21
N GLU B 87 -23.79 -21.86 -28.76
CA GLU B 87 -24.16 -21.99 -27.35
C GLU B 87 -22.91 -21.95 -26.47
N TYR B 88 -21.90 -22.75 -26.82
CA TYR B 88 -20.64 -22.72 -26.08
C TYR B 88 -19.99 -21.35 -26.14
N GLU B 89 -20.08 -20.67 -27.28
CA GLU B 89 -19.48 -19.35 -27.42
C GLU B 89 -20.12 -18.36 -26.47
N GLU B 90 -21.46 -18.28 -26.49
CA GLU B 90 -22.16 -17.40 -25.56
C GLU B 90 -21.80 -17.75 -24.12
N TYR B 91 -21.79 -19.04 -23.79
CA TYR B 91 -21.50 -19.46 -22.42
C TYR B 91 -20.12 -18.97 -21.98
N ILE B 92 -19.09 -19.25 -22.77
CA ILE B 92 -17.73 -18.96 -22.33
C ILE B 92 -17.47 -17.46 -22.35
N THR B 93 -18.01 -16.74 -23.33
CA THR B 93 -17.81 -15.30 -23.38
C THR B 93 -18.50 -14.60 -22.21
N LYS B 94 -19.72 -15.03 -21.87
CA LYS B 94 -20.37 -14.45 -20.69
C LYS B 94 -19.69 -14.88 -19.40
N LEU B 95 -19.08 -16.06 -19.38
CA LEU B 95 -18.41 -16.53 -18.17
C LEU B 95 -17.15 -15.71 -17.90
N PHE B 96 -16.34 -15.47 -18.92
CA PHE B 96 -15.09 -14.74 -18.74
C PHE B 96 -15.19 -13.26 -19.08
N ASN B 97 -16.37 -12.80 -19.49
CA ASN B 97 -16.65 -11.37 -19.68
C ASN B 97 -15.79 -10.77 -20.79
N TYR B 98 -15.82 -11.41 -21.95
CA TYR B 98 -15.22 -10.87 -23.16
C TYR B 98 -16.27 -10.89 -24.26
N HIS B 99 -16.07 -10.03 -25.28
CA HIS B 99 -17.01 -9.97 -26.38
C HIS B 99 -17.08 -11.30 -27.14
N LYS B 100 -15.93 -11.81 -27.55
CA LYS B 100 -15.92 -12.96 -28.46
C LYS B 100 -14.83 -13.94 -28.09
N VAL B 101 -15.02 -15.16 -28.60
CA VAL B 101 -14.08 -16.26 -28.46
C VAL B 101 -13.79 -16.82 -29.85
N LEU B 102 -12.52 -17.15 -30.09
CA LEU B 102 -12.12 -17.88 -31.28
C LEU B 102 -11.70 -19.28 -30.86
N PRO B 103 -12.34 -20.32 -31.37
CA PRO B 103 -12.03 -21.68 -30.91
C PRO B 103 -10.93 -22.36 -31.73
N MET B 104 -9.96 -22.95 -31.03
CA MET B 104 -8.96 -23.80 -31.65
C MET B 104 -8.91 -25.12 -30.89
N ASN B 105 -7.90 -25.95 -31.15
CA ASN B 105 -7.82 -27.29 -30.58
C ASN B 105 -6.76 -27.41 -29.50
N THR B 106 -5.51 -27.05 -29.80
CA THR B 106 -4.42 -27.19 -28.86
C THR B 106 -4.00 -25.83 -28.32
N GLY B 107 -3.24 -25.86 -27.23
CA GLY B 107 -2.80 -24.61 -26.62
C GLY B 107 -1.88 -23.80 -27.53
N VAL B 108 -0.98 -24.48 -28.23
CA VAL B 108 -0.07 -23.76 -29.12
C VAL B 108 -0.84 -23.13 -30.28
N GLU B 109 -1.95 -23.72 -30.69
CA GLU B 109 -2.77 -23.09 -31.72
C GLU B 109 -3.42 -21.81 -31.18
N ALA B 110 -3.85 -21.83 -29.92
CA ALA B 110 -4.35 -20.61 -29.29
C ALA B 110 -3.27 -19.54 -29.24
N GLY B 111 -2.03 -19.94 -28.93
CA GLY B 111 -0.94 -18.98 -28.90
C GLY B 111 -0.64 -18.40 -30.27
N GLU B 112 -0.57 -19.25 -31.29
CA GLU B 112 -0.39 -18.78 -32.66
C GLU B 112 -1.51 -17.83 -33.06
N THR B 113 -2.74 -18.15 -32.67
CA THR B 113 -3.88 -17.28 -32.99
C THR B 113 -3.74 -15.93 -32.31
N ALA B 114 -3.31 -15.92 -31.05
CA ALA B 114 -3.11 -14.65 -30.34
C ALA B 114 -2.01 -13.83 -30.99
N CYS B 115 -0.94 -14.48 -31.46
CA CYS B 115 0.11 -13.77 -32.17
C CYS B 115 -0.41 -13.15 -33.46
N LYS B 116 -1.22 -13.91 -34.22
CA LYS B 116 -1.75 -13.38 -35.47
C LYS B 116 -2.73 -12.23 -35.21
N LEU B 117 -3.54 -12.34 -34.16
CA LEU B 117 -4.42 -11.25 -33.78
C LEU B 117 -3.62 -10.01 -33.40
N ALA B 118 -2.56 -10.20 -32.60
CA ALA B 118 -1.72 -9.08 -32.19
C ALA B 118 -1.12 -8.38 -33.39
N ARG B 119 -0.59 -9.14 -34.34
CA ARG B 119 0.04 -8.54 -35.51
C ARG B 119 -1.00 -7.84 -36.40
N LYS B 120 -2.13 -8.50 -36.66
CA LYS B 120 -3.17 -7.89 -37.48
C LYS B 120 -3.69 -6.61 -36.85
N TRP B 121 -3.84 -6.59 -35.52
CA TRP B 121 -4.30 -5.40 -34.83
C TRP B 121 -3.25 -4.30 -34.84
N GLY B 122 -1.98 -4.68 -34.71
CA GLY B 122 -0.91 -3.67 -34.77
C GLY B 122 -0.84 -2.99 -36.14
N TYR B 123 -1.08 -3.76 -37.21
CA TYR B 123 -1.02 -3.15 -38.53
C TYR B 123 -2.29 -2.37 -38.86
N THR B 124 -3.46 -2.92 -38.56
CA THR B 124 -4.71 -2.33 -39.02
C THR B 124 -5.29 -1.30 -38.06
N VAL B 125 -4.94 -1.34 -36.78
CA VAL B 125 -5.51 -0.44 -35.79
C VAL B 125 -4.46 0.48 -35.18
N LYS B 126 -3.34 -0.07 -34.73
CA LYS B 126 -2.30 0.76 -34.13
C LYS B 126 -1.55 1.57 -35.19
N GLY B 127 -1.46 1.05 -36.41
CA GLY B 127 -0.83 1.77 -37.50
C GLY B 127 0.62 1.42 -37.76
N ILE B 128 1.10 0.27 -37.28
CA ILE B 128 2.48 -0.13 -37.52
C ILE B 128 2.66 -0.46 -39.00
N GLN B 129 3.78 -0.02 -39.57
CA GLN B 129 4.08 -0.36 -40.95
C GLN B 129 4.21 -1.87 -41.09
N LYS B 130 3.66 -2.41 -42.17
CA LYS B 130 3.43 -3.85 -42.26
C LYS B 130 4.72 -4.64 -42.11
N TYR B 131 4.67 -5.60 -41.18
CA TYR B 131 5.70 -6.60 -40.93
C TYR B 131 6.88 -6.03 -40.17
N LYS B 132 6.64 -4.92 -39.46
CA LYS B 132 7.55 -4.38 -38.45
C LYS B 132 7.05 -4.62 -37.04
N ALA B 133 5.86 -5.21 -36.87
CA ALA B 133 5.31 -5.40 -35.54
C ALA B 133 6.11 -6.42 -34.75
N LYS B 134 6.26 -6.16 -33.45
CA LYS B 134 7.00 -7.05 -32.56
C LYS B 134 6.09 -7.53 -31.44
N ILE B 135 6.38 -8.73 -30.97
CA ILE B 135 5.72 -9.31 -29.80
C ILE B 135 6.80 -9.62 -28.77
N VAL B 136 6.54 -9.24 -27.53
CA VAL B 136 7.49 -9.42 -26.44
C VAL B 136 7.04 -10.59 -25.57
N PHE B 137 8.01 -11.44 -25.22
CA PHE B 137 7.79 -12.59 -24.36
C PHE B 137 8.72 -12.49 -23.16
N ALA B 138 8.47 -13.33 -22.17
CA ALA B 138 9.30 -13.40 -20.97
C ALA B 138 10.18 -14.64 -21.03
N ALA B 139 11.44 -14.48 -20.65
CA ALA B 139 12.36 -15.61 -20.61
C ALA B 139 11.83 -16.68 -19.68
N GLY B 140 12.00 -17.94 -20.08
CA GLY B 140 11.42 -19.06 -19.38
C GLY B 140 10.02 -19.43 -19.82
N ASN B 141 9.45 -18.72 -20.79
CA ASN B 141 8.11 -19.02 -21.25
C ASN B 141 8.06 -20.36 -21.97
N PHE B 142 6.88 -20.97 -21.97
CA PHE B 142 6.62 -22.16 -22.76
C PHE B 142 5.17 -22.12 -23.22
N TRP B 143 4.96 -22.25 -24.54
CA TRP B 143 3.60 -22.26 -25.05
C TRP B 143 3.45 -23.15 -26.29
N GLY B 144 4.28 -24.18 -26.42
CA GLY B 144 4.10 -25.15 -27.47
C GLY B 144 5.40 -25.47 -28.18
N ARG B 145 5.29 -26.22 -29.27
CA ARG B 145 6.46 -26.74 -29.97
C ARG B 145 6.49 -26.39 -31.46
N THR B 146 5.62 -25.50 -31.92
CA THR B 146 5.71 -25.04 -33.30
C THR B 146 6.99 -24.22 -33.48
N LEU B 147 7.34 -23.96 -34.74
CA LEU B 147 8.51 -23.12 -35.02
C LEU B 147 8.38 -21.76 -34.36
N SER B 148 7.20 -21.15 -34.45
CA SER B 148 6.98 -19.85 -33.82
C SER B 148 7.15 -19.93 -32.31
N ALA B 149 6.64 -21.00 -31.68
CA ALA B 149 6.70 -21.13 -30.24
C ALA B 149 8.14 -21.26 -29.76
N ILE B 150 8.91 -22.16 -30.39
CA ILE B 150 10.31 -22.32 -30.00
C ILE B 150 11.14 -21.10 -30.39
N SER B 151 10.65 -20.26 -31.30
CA SER B 151 11.36 -19.04 -31.64
C SER B 151 11.33 -18.01 -30.52
N SER B 152 10.47 -18.18 -29.52
CA SER B 152 10.41 -17.26 -28.38
C SER B 152 10.95 -17.87 -27.10
N SER B 153 11.49 -19.09 -27.16
CA SER B 153 11.96 -19.79 -25.99
C SER B 153 13.43 -19.49 -25.70
N THR B 154 13.76 -19.46 -24.41
CA THR B 154 15.15 -19.42 -23.97
C THR B 154 15.66 -20.79 -23.55
N ASP B 155 14.93 -21.85 -23.90
CA ASP B 155 15.33 -23.21 -23.57
C ASP B 155 16.04 -23.82 -24.77
N PRO B 156 17.35 -24.08 -24.69
CA PRO B 156 18.05 -24.63 -25.85
C PRO B 156 17.50 -25.95 -26.35
N THR B 157 16.97 -26.79 -25.46
CA THR B 157 16.43 -28.09 -25.88
C THR B 157 15.24 -27.95 -26.81
N SER B 158 14.61 -26.77 -26.85
CA SER B 158 13.44 -26.56 -27.71
C SER B 158 13.80 -25.98 -29.06
N TYR B 159 14.84 -25.14 -29.15
CA TYR B 159 15.16 -24.47 -30.41
C TYR B 159 16.44 -24.95 -31.07
N ASP B 160 17.31 -25.67 -30.36
CA ASP B 160 18.56 -26.12 -30.96
C ASP B 160 18.29 -27.08 -32.11
N GLY B 161 18.90 -26.80 -33.26
CA GLY B 161 18.80 -27.68 -34.42
C GLY B 161 17.51 -27.59 -35.19
N PHE B 162 16.68 -26.57 -34.94
CA PHE B 162 15.38 -26.43 -35.60
C PHE B 162 15.33 -25.20 -36.49
N GLY B 163 16.40 -24.97 -37.25
CA GLY B 163 16.41 -24.00 -38.32
C GLY B 163 16.29 -22.57 -37.87
N PRO B 164 16.23 -21.65 -38.85
CA PRO B 164 16.05 -20.24 -38.52
C PRO B 164 14.73 -19.99 -37.83
N PHE B 165 14.68 -18.89 -37.08
CA PHE B 165 13.60 -18.63 -36.15
C PHE B 165 12.77 -17.42 -36.59
N MET B 166 11.59 -17.33 -36.01
CA MET B 166 10.62 -16.31 -36.38
C MET B 166 11.10 -14.92 -35.99
N PRO B 167 11.22 -13.98 -36.94
CA PRO B 167 11.57 -12.60 -36.57
C PRO B 167 10.41 -11.90 -35.87
N GLY B 168 10.72 -10.75 -35.29
CA GLY B 168 9.73 -9.96 -34.60
C GLY B 168 9.38 -10.43 -33.21
N PHE B 169 10.10 -11.38 -32.65
CA PHE B 169 9.90 -11.85 -31.29
C PHE B 169 11.07 -11.36 -30.43
N ASP B 170 10.76 -10.53 -29.43
CA ASP B 170 11.75 -10.06 -28.49
C ASP B 170 11.51 -10.69 -27.14
N ILE B 171 12.59 -10.91 -26.39
CA ILE B 171 12.55 -11.63 -25.12
C ILE B 171 13.10 -10.72 -24.02
N ILE B 172 12.35 -10.60 -22.93
CA ILE B 172 12.79 -9.82 -21.78
C ILE B 172 12.72 -10.72 -20.55
N PRO B 173 13.42 -10.35 -19.48
CA PRO B 173 13.35 -11.16 -18.25
C PRO B 173 11.95 -11.19 -17.66
N TYR B 174 11.61 -12.33 -17.06
CA TYR B 174 10.35 -12.49 -16.37
C TYR B 174 10.38 -11.76 -15.04
N ASN B 175 9.21 -11.30 -14.59
CA ASN B 175 9.07 -10.60 -13.31
C ASN B 175 9.96 -9.34 -13.28
N ASP B 176 9.93 -8.58 -14.37
CA ASP B 176 10.82 -7.42 -14.53
C ASP B 176 10.03 -6.32 -15.24
N LEU B 177 9.51 -5.38 -14.45
CA LEU B 177 8.71 -4.28 -14.97
C LEU B 177 9.55 -3.20 -15.66
N PRO B 178 10.72 -2.81 -15.12
CA PRO B 178 11.54 -1.84 -15.87
C PRO B 178 11.94 -2.35 -17.25
N ALA B 179 12.29 -3.64 -17.36
CA ALA B 179 12.61 -4.20 -18.66
C ALA B 179 11.41 -4.15 -19.60
N LEU B 180 10.22 -4.41 -19.07
CA LEU B 180 9.02 -4.33 -19.89
C LEU B 180 8.77 -2.92 -20.38
N GLU B 181 8.96 -1.92 -19.51
CA GLU B 181 8.78 -0.54 -19.93
C GLU B 181 9.77 -0.15 -21.01
N ARG B 182 11.04 -0.52 -20.82
CA ARG B 182 12.06 -0.25 -21.83
C ARG B 182 11.70 -0.90 -23.16
N ALA B 183 11.22 -2.15 -23.11
CA ALA B 183 10.83 -2.83 -24.35
C ALA B 183 9.63 -2.14 -25.01
N LEU B 184 8.69 -1.65 -24.21
CA LEU B 184 7.50 -1.01 -24.74
C LEU B 184 7.77 0.42 -25.20
N GLN B 185 8.95 0.96 -24.93
CA GLN B 185 9.31 2.25 -25.52
C GLN B 185 9.30 2.22 -27.05
N ASP B 186 9.35 1.03 -27.66
CA ASP B 186 9.31 0.92 -29.12
C ASP B 186 7.86 0.90 -29.58
N PRO B 187 7.45 1.87 -30.42
CA PRO B 187 6.03 1.89 -30.87
C PRO B 187 5.65 0.74 -31.78
N ASN B 188 6.61 0.01 -32.36
CA ASN B 188 6.29 -1.12 -33.21
C ASN B 188 5.94 -2.38 -32.42
N VAL B 189 5.96 -2.32 -31.09
CA VAL B 189 5.53 -3.46 -30.28
C VAL B 189 4.01 -3.50 -30.29
N ALA B 190 3.45 -4.63 -30.71
CA ALA B 190 2.01 -4.78 -30.72
C ALA B 190 1.48 -5.49 -29.48
N ALA B 191 2.26 -6.38 -28.88
CA ALA B 191 1.73 -7.18 -27.78
C ALA B 191 2.84 -7.62 -26.86
N PHE B 192 2.43 -8.00 -25.65
CA PHE B 192 3.27 -8.67 -24.66
C PHE B 192 2.50 -9.90 -24.19
N MET B 193 3.03 -11.08 -24.50
CA MET B 193 2.44 -12.35 -24.08
C MET B 193 3.20 -12.88 -22.88
N VAL B 194 2.48 -13.27 -21.83
CA VAL B 194 3.11 -13.71 -20.60
C VAL B 194 2.19 -14.66 -19.87
N GLU B 195 2.80 -15.59 -19.13
CA GLU B 195 2.13 -16.50 -18.20
C GLU B 195 2.02 -15.83 -16.83
N PRO B 196 0.83 -15.77 -16.25
CA PRO B 196 0.72 -15.25 -14.87
C PRO B 196 1.54 -16.05 -13.88
N ILE B 197 1.71 -17.35 -14.14
CA ILE B 197 2.68 -18.19 -13.44
C ILE B 197 3.32 -19.10 -14.49
N GLN B 198 4.64 -19.15 -14.52
CA GLN B 198 5.35 -19.96 -15.50
C GLN B 198 5.35 -21.42 -15.06
N GLY B 199 4.52 -22.23 -15.71
CA GLY B 199 4.40 -23.63 -15.36
C GLY B 199 5.60 -24.48 -15.73
N GLU B 200 5.87 -24.61 -17.04
CA GLU B 200 6.96 -25.45 -17.52
C GLU B 200 8.29 -25.06 -16.90
N ALA B 201 8.49 -23.77 -16.61
CA ALA B 201 9.72 -23.30 -16.02
C ALA B 201 9.94 -23.78 -14.59
N GLY B 202 8.93 -24.38 -13.96
CA GLY B 202 9.06 -24.90 -12.62
C GLY B 202 8.22 -24.16 -11.60
N VAL B 203 7.02 -23.75 -12.03
CA VAL B 203 6.11 -22.96 -11.20
C VAL B 203 6.84 -21.73 -10.69
N VAL B 204 7.16 -20.81 -11.60
CA VAL B 204 7.83 -19.56 -11.24
C VAL B 204 6.75 -18.51 -11.02
N VAL B 205 6.52 -18.14 -9.77
CA VAL B 205 5.48 -17.17 -9.42
C VAL B 205 6.12 -15.79 -9.38
N PRO B 206 5.61 -14.82 -10.13
CA PRO B 206 6.16 -13.46 -10.07
C PRO B 206 5.77 -12.77 -8.77
N ASP B 207 6.45 -11.66 -8.50
CA ASP B 207 6.20 -10.92 -7.27
C ASP B 207 4.82 -10.28 -7.30
N PRO B 208 4.23 -10.04 -6.13
CA PRO B 208 2.93 -9.36 -6.09
C PRO B 208 3.01 -7.99 -6.76
N GLY B 209 1.95 -7.65 -7.50
CA GLY B 209 1.92 -6.41 -8.25
C GLY B 209 2.51 -6.47 -9.64
N TYR B 210 3.13 -7.60 -10.01
CA TYR B 210 3.73 -7.70 -11.34
C TYR B 210 2.68 -7.66 -12.44
N LEU B 211 1.58 -8.39 -12.26
CA LEU B 211 0.51 -8.38 -13.27
C LEU B 211 -0.17 -7.03 -13.35
N MET B 212 -0.35 -6.37 -12.21
CA MET B 212 -0.92 -5.02 -12.19
C MET B 212 -0.03 -4.05 -12.96
N GLY B 213 1.28 -4.12 -12.72
CA GLY B 213 2.20 -3.26 -13.45
C GLY B 213 2.26 -3.58 -14.93
N VAL B 214 2.13 -4.86 -15.28
CA VAL B 214 2.11 -5.26 -16.68
C VAL B 214 0.89 -4.68 -17.39
N ARG B 215 -0.28 -4.78 -16.76
CA ARG B 215 -1.48 -4.18 -17.31
C ARG B 215 -1.31 -2.67 -17.46
N GLU B 216 -0.76 -2.01 -16.44
CA GLU B 216 -0.56 -0.56 -16.51
C GLU B 216 0.35 -0.19 -17.68
N LEU B 217 1.49 -0.87 -17.82
CA LEU B 217 2.44 -0.57 -18.88
C LEU B 217 1.84 -0.83 -20.25
N CYS B 218 1.13 -1.95 -20.41
CA CYS B 218 0.54 -2.27 -21.70
C CYS B 218 -0.54 -1.28 -22.09
N THR B 219 -1.33 -0.81 -21.12
CA THR B 219 -2.36 0.18 -21.43
C THR B 219 -1.74 1.52 -21.77
N ARG B 220 -0.66 1.91 -21.10
CA ARG B 220 -0.05 3.21 -21.36
C ARG B 220 0.47 3.30 -22.80
N HIS B 221 1.10 2.24 -23.29
CA HIS B 221 1.80 2.28 -24.57
C HIS B 221 1.01 1.66 -25.71
N GLN B 222 -0.29 1.47 -25.54
CA GLN B 222 -1.16 0.89 -26.56
C GLN B 222 -0.61 -0.45 -27.04
N VAL B 223 -0.44 -1.36 -26.08
CA VAL B 223 0.14 -2.68 -26.31
C VAL B 223 -0.82 -3.72 -25.75
N LEU B 224 -1.01 -4.81 -26.50
CA LEU B 224 -1.97 -5.83 -26.11
C LEU B 224 -1.39 -6.75 -25.04
N PHE B 225 -2.10 -6.86 -23.92
CA PHE B 225 -1.73 -7.78 -22.84
C PHE B 225 -2.33 -9.14 -23.15
N ILE B 226 -1.47 -10.09 -23.53
CA ILE B 226 -1.89 -11.47 -23.78
C ILE B 226 -1.50 -12.30 -22.56
N ALA B 227 -2.49 -12.84 -21.87
CA ALA B 227 -2.27 -13.70 -20.72
C ALA B 227 -2.48 -15.15 -21.12
N ASP B 228 -1.41 -15.95 -21.01
CA ASP B 228 -1.48 -17.36 -21.31
C ASP B 228 -1.90 -18.09 -20.04
N GLU B 229 -3.21 -18.30 -19.91
CA GLU B 229 -3.78 -19.05 -18.80
C GLU B 229 -4.07 -20.50 -19.18
N ILE B 230 -3.37 -21.03 -20.18
CA ILE B 230 -3.65 -22.38 -20.65
C ILE B 230 -3.37 -23.39 -19.55
N GLN B 231 -2.33 -23.17 -18.75
CA GLN B 231 -2.04 -24.06 -17.64
C GLN B 231 -2.43 -23.50 -16.27
N THR B 232 -2.45 -22.17 -16.13
CA THR B 232 -2.79 -21.55 -14.85
C THR B 232 -4.28 -21.30 -14.67
N GLY B 233 -5.04 -21.25 -15.75
CA GLY B 233 -6.45 -20.92 -15.65
C GLY B 233 -7.31 -22.07 -15.17
N LEU B 234 -8.62 -21.80 -15.12
CA LEU B 234 -9.64 -22.81 -14.83
C LEU B 234 -9.42 -23.47 -13.47
N ALA B 235 -9.43 -22.63 -12.43
CA ALA B 235 -9.46 -22.98 -11.02
C ALA B 235 -8.18 -23.64 -10.51
N ARG B 236 -7.14 -23.78 -11.34
CA ARG B 236 -5.94 -24.49 -10.91
C ARG B 236 -5.26 -23.77 -9.75
N THR B 237 -5.11 -22.46 -9.84
CA THR B 237 -4.38 -21.69 -8.84
C THR B 237 -5.27 -21.11 -7.75
N GLY B 238 -6.55 -21.47 -7.73
CA GLY B 238 -7.46 -20.99 -6.71
C GLY B 238 -8.42 -19.90 -7.18
N ARG B 239 -8.38 -19.51 -8.45
CA ARG B 239 -9.30 -18.55 -9.02
C ARG B 239 -9.69 -19.05 -10.40
N TRP B 240 -10.72 -18.43 -10.98
CA TRP B 240 -11.05 -18.71 -12.38
C TRP B 240 -9.82 -18.54 -13.27
N LEU B 241 -9.18 -17.39 -13.17
CA LEU B 241 -7.90 -17.14 -13.82
C LEU B 241 -6.90 -16.67 -12.76
N ALA B 242 -5.63 -17.02 -12.96
CA ALA B 242 -4.60 -16.57 -12.03
C ALA B 242 -4.53 -15.05 -11.96
N VAL B 243 -4.76 -14.38 -13.09
CA VAL B 243 -4.75 -12.92 -13.12
C VAL B 243 -5.79 -12.34 -12.18
N ASP B 244 -6.86 -13.08 -11.88
CA ASP B 244 -7.87 -12.61 -10.94
C ASP B 244 -7.28 -12.31 -9.56
N TYR B 245 -6.10 -12.85 -9.24
CA TYR B 245 -5.49 -12.54 -7.96
C TYR B 245 -5.11 -11.07 -7.84
N GLU B 246 -4.95 -10.36 -8.96
CA GLU B 246 -4.64 -8.93 -8.93
C GLU B 246 -5.67 -8.11 -9.70
N ASN B 247 -6.83 -8.69 -9.99
CA ASN B 247 -7.95 -7.99 -10.62
C ASN B 247 -7.64 -7.47 -12.02
N VAL B 248 -6.55 -7.91 -12.63
CA VAL B 248 -6.16 -7.38 -13.93
C VAL B 248 -6.96 -8.08 -15.03
N ARG B 249 -7.39 -7.30 -16.01
CA ARG B 249 -8.14 -7.82 -17.15
C ARG B 249 -7.25 -7.79 -18.38
N PRO B 250 -6.75 -8.92 -18.85
CA PRO B 250 -5.91 -8.93 -20.06
C PRO B 250 -6.72 -8.59 -21.30
N ASP B 251 -6.00 -8.17 -22.34
CA ASP B 251 -6.64 -7.91 -23.63
C ASP B 251 -6.99 -9.21 -24.34
N ILE B 252 -6.06 -10.18 -24.33
CA ILE B 252 -6.31 -11.50 -24.88
C ILE B 252 -6.08 -12.52 -23.78
N VAL B 253 -7.01 -13.46 -23.63
CA VAL B 253 -6.86 -14.55 -22.67
C VAL B 253 -6.83 -15.87 -23.43
N LEU B 254 -5.81 -16.68 -23.15
CA LEU B 254 -5.66 -17.99 -23.77
C LEU B 254 -6.12 -19.07 -22.79
N LEU B 255 -6.93 -20.00 -23.28
CA LEU B 255 -7.39 -21.12 -22.47
C LEU B 255 -7.16 -22.42 -23.20
N GLY B 256 -6.82 -23.45 -22.44
CA GLY B 256 -6.61 -24.78 -23.00
C GLY B 256 -6.79 -25.87 -21.96
N LYS B 257 -6.03 -26.94 -22.11
CA LYS B 257 -5.96 -28.03 -21.13
C LYS B 257 -7.29 -28.44 -20.48
N ALA B 258 -7.54 -27.90 -19.30
CA ALA B 258 -8.69 -28.28 -18.48
C ALA B 258 -10.02 -27.83 -19.09
N LEU B 259 -9.94 -27.08 -20.19
CA LEU B 259 -11.14 -26.60 -20.86
C LEU B 259 -12.05 -27.74 -21.28
N SER B 260 -11.51 -28.94 -21.44
CA SER B 260 -12.29 -30.12 -21.82
C SER B 260 -12.24 -31.24 -20.79
N GLY B 261 -11.57 -31.03 -19.66
CA GLY B 261 -11.42 -32.11 -18.69
C GLY B 261 -10.60 -33.28 -19.18
N GLY B 262 -9.75 -33.06 -20.19
CA GLY B 262 -8.88 -34.10 -20.70
C GLY B 262 -9.51 -35.04 -21.70
N LEU B 263 -10.76 -34.80 -22.09
CA LEU B 263 -11.47 -35.71 -23.00
C LEU B 263 -11.32 -35.34 -24.47
N TYR B 264 -10.85 -34.14 -24.78
CA TYR B 264 -10.82 -33.66 -26.16
C TYR B 264 -9.90 -32.45 -26.24
N PRO B 265 -9.10 -32.31 -27.30
CA PRO B 265 -8.26 -31.10 -27.43
C PRO B 265 -9.08 -29.88 -27.77
N VAL B 266 -9.29 -28.99 -26.80
CA VAL B 266 -10.10 -27.79 -26.97
C VAL B 266 -9.35 -26.60 -26.39
N SER B 267 -9.19 -25.55 -27.19
CA SER B 267 -8.56 -24.32 -26.75
C SER B 267 -9.37 -23.13 -27.21
N ALA B 268 -9.15 -21.99 -26.57
CA ALA B 268 -9.96 -20.80 -26.77
C ALA B 268 -9.11 -19.53 -26.70
N VAL B 269 -9.44 -18.56 -27.54
CA VAL B 269 -8.85 -17.23 -27.52
C VAL B 269 -9.96 -16.24 -27.23
N LEU B 270 -9.92 -15.59 -26.07
CA LEU B 270 -10.97 -14.67 -25.65
C LEU B 270 -10.49 -13.24 -25.78
N CYS B 271 -11.30 -12.41 -26.46
CA CYS B 271 -11.00 -10.97 -26.52
C CYS B 271 -12.21 -10.24 -27.09
N ASP B 272 -12.15 -8.91 -27.04
CA ASP B 272 -13.23 -8.02 -27.43
C ASP B 272 -13.22 -7.76 -28.94
N ASP B 273 -14.26 -7.07 -29.40
CA ASP B 273 -14.47 -6.89 -30.84
C ASP B 273 -13.33 -6.12 -31.49
N ASP B 274 -12.85 -5.05 -30.85
CA ASP B 274 -11.83 -4.20 -31.45
C ASP B 274 -10.56 -4.98 -31.78
N ILE B 275 -10.32 -6.09 -31.07
CA ILE B 275 -9.20 -6.96 -31.37
C ILE B 275 -9.63 -8.14 -32.24
N MET B 276 -10.74 -8.78 -31.88
CA MET B 276 -11.13 -10.02 -32.53
C MET B 276 -11.47 -9.80 -34.00
N LEU B 277 -12.13 -8.69 -34.32
CA LEU B 277 -12.66 -8.48 -35.67
C LEU B 277 -11.62 -7.92 -36.64
N THR B 278 -10.34 -7.89 -36.26
CA THR B 278 -9.30 -7.56 -37.23
C THR B 278 -9.05 -8.72 -38.20
N ILE B 279 -9.42 -9.93 -37.83
CA ILE B 279 -9.34 -11.08 -38.72
C ILE B 279 -10.68 -11.23 -39.43
N LYS B 280 -10.66 -11.15 -40.76
CA LYS B 280 -11.84 -11.22 -41.61
C LYS B 280 -12.13 -12.68 -41.98
N PRO B 281 -13.34 -12.96 -42.48
CA PRO B 281 -13.64 -14.33 -42.91
C PRO B 281 -12.62 -14.85 -43.92
N GLY B 282 -12.21 -16.11 -43.71
CA GLY B 282 -11.25 -16.76 -44.59
C GLY B 282 -9.80 -16.52 -44.25
N GLU B 283 -9.50 -15.69 -43.24
CA GLU B 283 -8.14 -15.31 -42.93
C GLU B 283 -7.53 -16.10 -41.77
N HIS B 284 -8.30 -16.97 -41.13
CA HIS B 284 -7.80 -17.81 -40.04
C HIS B 284 -8.82 -18.89 -39.73
N GLY B 285 -8.35 -20.00 -39.19
CA GLY B 285 -9.25 -21.06 -38.78
C GLY B 285 -8.50 -22.36 -38.56
N SER B 286 -9.31 -23.40 -38.36
CA SER B 286 -8.83 -24.76 -38.10
C SER B 286 -10.00 -25.73 -38.12
N TYR B 288 -10.60 -28.89 -36.77
CA TYR B 288 -11.48 -29.40 -35.72
C TYR B 288 -11.89 -28.28 -34.76
N GLY B 289 -11.36 -27.09 -35.00
CA GLY B 289 -11.66 -25.93 -34.17
C GLY B 289 -13.13 -25.58 -34.17
N GLY B 290 -13.76 -25.66 -32.99
CA GLY B 290 -15.17 -25.34 -32.87
C GLY B 290 -16.12 -26.45 -33.26
N ASN B 291 -15.64 -27.69 -33.36
CA ASN B 291 -16.52 -28.80 -33.67
C ASN B 291 -17.51 -29.03 -32.53
N PRO B 292 -18.71 -29.53 -32.83
CA PRO B 292 -19.75 -29.62 -31.78
C PRO B 292 -19.41 -30.59 -30.67
N LEU B 293 -18.66 -31.65 -30.96
CA LEU B 293 -18.28 -32.61 -29.91
C LEU B 293 -17.42 -31.96 -28.85
N GLY B 294 -16.32 -31.33 -29.28
CA GLY B 294 -15.48 -30.61 -28.34
C GLY B 294 -16.21 -29.48 -27.63
N CYS B 295 -17.21 -28.89 -28.28
CA CYS B 295 -17.98 -27.82 -27.65
C CYS B 295 -18.86 -28.36 -26.52
N ARG B 296 -19.55 -29.46 -26.76
CA ARG B 296 -20.29 -30.11 -25.68
C ARG B 296 -19.37 -30.48 -24.54
N VAL B 297 -18.20 -31.05 -24.86
CA VAL B 297 -17.26 -31.45 -23.83
C VAL B 297 -16.79 -30.24 -23.02
N ALA B 298 -16.50 -29.13 -23.70
CA ALA B 298 -16.01 -27.94 -23.00
C ALA B 298 -17.09 -27.31 -22.14
N ILE B 299 -18.33 -27.29 -22.63
CA ILE B 299 -19.44 -26.80 -21.81
C ILE B 299 -19.54 -27.63 -20.54
N ALA B 300 -19.48 -28.95 -20.66
CA ALA B 300 -19.56 -29.82 -19.49
C ALA B 300 -18.40 -29.58 -18.54
N ALA B 301 -17.20 -29.38 -19.07
CA ALA B 301 -16.03 -29.18 -18.22
C ALA B 301 -16.12 -27.85 -17.46
N LEU B 302 -16.52 -26.78 -18.15
CA LEU B 302 -16.70 -25.50 -17.47
C LEU B 302 -17.78 -25.57 -16.40
N GLU B 303 -18.88 -26.28 -16.71
CA GLU B 303 -19.95 -26.45 -15.72
C GLU B 303 -19.46 -27.22 -14.52
N VAL B 304 -18.65 -28.26 -14.73
CA VAL B 304 -18.11 -29.02 -13.61
C VAL B 304 -17.20 -28.14 -12.76
N LEU B 305 -16.39 -27.30 -13.41
CA LEU B 305 -15.55 -26.38 -12.66
C LEU B 305 -16.38 -25.41 -11.82
N GLU B 306 -17.50 -24.94 -12.37
CA GLU B 306 -18.28 -23.91 -11.67
C GLU B 306 -19.11 -24.51 -10.54
N GLU B 307 -19.83 -25.60 -10.81
CA GLU B 307 -20.80 -26.12 -9.84
C GLU B 307 -20.10 -26.66 -8.59
N GLU B 308 -18.99 -27.37 -8.77
CA GLU B 308 -18.31 -28.01 -7.65
C GLU B 308 -17.39 -27.07 -6.89
N ASN B 309 -17.30 -25.80 -7.29
CA ASN B 309 -16.49 -24.79 -6.60
C ASN B 309 -15.04 -25.25 -6.42
N LEU B 310 -14.45 -25.72 -7.52
CA LEU B 310 -13.10 -26.26 -7.44
C LEU B 310 -12.04 -25.18 -7.23
N ALA B 311 -12.38 -23.90 -7.42
CA ALA B 311 -11.41 -22.84 -7.21
C ALA B 311 -11.12 -22.63 -5.72
N GLU B 312 -12.17 -22.47 -4.92
CA GLU B 312 -11.95 -22.29 -3.48
C GLU B 312 -11.36 -23.55 -2.85
N ASN B 313 -11.76 -24.73 -3.35
CA ASN B 313 -11.17 -25.97 -2.86
C ASN B 313 -9.69 -26.04 -3.19
N ALA B 314 -9.33 -25.68 -4.43
CA ALA B 314 -7.92 -25.64 -4.80
C ALA B 314 -7.16 -24.66 -3.91
N ASP B 315 -7.75 -23.49 -3.63
CA ASP B 315 -7.09 -22.50 -2.81
C ASP B 315 -6.81 -23.03 -1.40
N LYS B 316 -7.85 -23.54 -0.73
CA LYS B 316 -7.68 -24.02 0.64
C LYS B 316 -6.73 -25.20 0.71
N LEU B 317 -6.93 -26.20 -0.17
CA LEU B 317 -6.09 -27.38 -0.13
C LEU B 317 -4.66 -27.07 -0.54
N GLY B 318 -4.45 -26.06 -1.38
CA GLY B 318 -3.09 -25.66 -1.70
C GLY B 318 -2.40 -24.92 -0.57
N ILE B 319 -3.17 -24.13 0.19
CA ILE B 319 -2.63 -23.56 1.42
C ILE B 319 -2.15 -24.67 2.34
N ILE B 320 -3.02 -25.68 2.55
CA ILE B 320 -2.64 -26.80 3.41
C ILE B 320 -1.42 -27.53 2.85
N LEU B 321 -1.38 -27.74 1.54
CA LEU B 321 -0.29 -28.48 0.91
C LEU B 321 1.04 -27.75 1.07
N ARG B 322 1.03 -26.43 0.85
CA ARG B 322 2.27 -25.66 1.00
C ARG B 322 2.71 -25.61 2.46
N ASN B 323 1.76 -25.44 3.39
CA ASN B 323 2.12 -25.44 4.81
C ASN B 323 2.73 -26.77 5.23
N GLU B 324 2.25 -27.87 4.66
CA GLU B 324 2.82 -29.17 5.00
C GLU B 324 4.16 -29.40 4.32
N LEU B 325 4.32 -28.93 3.07
CA LEU B 325 5.57 -29.12 2.36
C LEU B 325 6.70 -28.29 2.95
N MET B 326 6.37 -27.13 3.53
CA MET B 326 7.40 -26.30 4.15
C MET B 326 7.93 -26.90 5.45
N LYS B 327 7.37 -28.01 5.92
CA LYS B 327 7.91 -28.70 7.09
C LYS B 327 9.12 -29.56 6.75
N LEU B 328 9.35 -29.84 5.48
CA LEU B 328 10.52 -30.61 5.10
C LEU B 328 11.80 -29.81 5.37
N PRO B 329 12.88 -30.46 5.80
CA PRO B 329 14.06 -29.71 6.21
C PRO B 329 14.76 -29.04 5.03
N SER B 330 15.47 -27.96 5.33
CA SER B 330 16.23 -27.23 4.34
C SER B 330 17.39 -28.04 3.77
N ASP B 331 17.77 -29.15 4.42
CA ASP B 331 18.86 -29.97 3.92
C ASP B 331 18.48 -30.71 2.66
N VAL B 332 17.19 -30.97 2.46
CA VAL B 332 16.73 -31.73 1.31
C VAL B 332 15.81 -30.95 0.39
N VAL B 333 15.12 -29.91 0.87
CA VAL B 333 14.22 -29.10 0.06
C VAL B 333 14.71 -27.66 0.12
N THR B 334 15.00 -27.10 -1.05
CA THR B 334 15.52 -25.72 -1.11
C THR B 334 14.39 -24.70 -0.98
N ALA B 335 13.31 -24.89 -1.73
CA ALA B 335 12.21 -23.93 -1.71
C ALA B 335 10.90 -24.65 -1.98
N VAL B 336 9.80 -23.99 -1.63
CA VAL B 336 8.45 -24.47 -1.89
C VAL B 336 7.69 -23.32 -2.52
N ARG B 337 7.33 -23.46 -3.79
CA ARG B 337 6.63 -22.42 -4.53
C ARG B 337 5.26 -22.89 -4.95
N GLY B 338 4.39 -21.95 -5.31
CA GLY B 338 3.12 -22.32 -5.90
C GLY B 338 1.92 -21.48 -5.51
N LYS B 339 0.83 -21.68 -6.24
CA LYS B 339 -0.45 -21.04 -5.96
C LYS B 339 -1.56 -22.08 -6.12
N GLY B 340 -2.52 -22.06 -5.20
CA GLY B 340 -3.59 -23.04 -5.24
C GLY B 340 -3.04 -24.45 -5.27
N LEU B 341 -3.59 -25.28 -6.14
CA LEU B 341 -3.10 -26.65 -6.32
C LEU B 341 -2.10 -26.78 -7.45
N LEU B 342 -1.33 -25.72 -7.73
CA LEU B 342 -0.19 -25.78 -8.64
C LEU B 342 1.03 -25.39 -7.83
N ASN B 343 1.81 -26.39 -7.38
CA ASN B 343 2.93 -26.13 -6.51
C ASN B 343 4.15 -26.89 -6.99
N ALA B 344 5.29 -26.58 -6.39
CA ALA B 344 6.54 -27.23 -6.75
C ALA B 344 7.51 -27.13 -5.58
N ILE B 345 8.41 -28.10 -5.50
CA ILE B 345 9.48 -28.10 -4.52
C ILE B 345 10.80 -28.21 -5.27
N VAL B 346 11.86 -27.67 -4.65
CA VAL B 346 13.20 -27.69 -5.23
C VAL B 346 14.02 -28.71 -4.47
N ILE B 347 14.35 -29.82 -5.13
CA ILE B 347 15.16 -30.87 -4.53
C ILE B 347 16.62 -30.46 -4.61
N LYS B 348 17.27 -30.34 -3.46
CA LYS B 348 18.70 -30.05 -3.43
C LYS B 348 19.47 -31.20 -4.07
N GLU B 349 19.65 -31.13 -5.38
CA GLU B 349 20.27 -32.23 -6.11
C GLU B 349 21.75 -32.34 -5.75
N THR B 350 22.15 -33.52 -5.29
CA THR B 350 23.54 -33.86 -5.01
C THR B 350 23.95 -35.04 -5.87
N LYS B 351 25.10 -35.62 -5.57
CA LYS B 351 25.54 -36.85 -6.22
C LYS B 351 25.01 -38.09 -5.51
N ASP B 352 24.15 -37.91 -4.50
CA ASP B 352 23.51 -39.02 -3.82
C ASP B 352 22.07 -39.24 -4.25
N TRP B 353 21.40 -38.21 -4.75
CA TRP B 353 20.01 -38.31 -5.18
C TRP B 353 19.70 -37.15 -6.11
N ASP B 354 18.49 -37.15 -6.66
CA ASP B 354 18.03 -36.08 -7.54
C ASP B 354 16.50 -36.15 -7.59
N ALA B 355 15.91 -35.21 -8.34
CA ALA B 355 14.46 -35.16 -8.45
C ALA B 355 13.91 -36.41 -9.15
N TRP B 356 14.66 -36.97 -10.10
CA TRP B 356 14.19 -38.16 -10.79
C TRP B 356 14.12 -39.36 -9.85
N LYS B 357 15.13 -39.52 -8.98
CA LYS B 357 15.08 -40.59 -7.98
C LYS B 357 13.90 -40.40 -7.04
N VAL B 358 13.64 -39.15 -6.65
CA VAL B 358 12.51 -38.88 -5.75
C VAL B 358 11.20 -39.24 -6.43
N CYS B 359 11.06 -38.91 -7.71
CA CYS B 359 9.82 -39.24 -8.41
C CYS B 359 9.68 -40.75 -8.62
N LEU B 360 10.80 -41.45 -8.86
CA LEU B 360 10.75 -42.90 -8.95
C LEU B 360 10.28 -43.51 -7.63
N ARG B 361 10.84 -43.05 -6.51
CA ARG B 361 10.45 -43.61 -5.22
C ARG B 361 9.03 -43.20 -4.83
N LEU B 362 8.56 -42.04 -5.31
CA LEU B 362 7.17 -41.66 -5.13
C LEU B 362 6.25 -42.61 -5.89
N ARG B 363 6.60 -42.89 -7.15
CA ARG B 363 5.88 -43.89 -7.93
C ARG B 363 5.84 -45.23 -7.20
N ASP B 364 6.97 -45.62 -6.58
CA ASP B 364 6.99 -46.86 -5.81
C ASP B 364 6.06 -46.80 -4.62
N ASN B 365 5.83 -45.62 -4.07
CA ASN B 365 4.95 -45.46 -2.91
C ASN B 365 3.53 -45.08 -3.29
N GLY B 366 3.21 -45.02 -4.58
CA GLY B 366 1.85 -44.80 -5.03
C GLY B 366 1.46 -43.37 -5.33
N LEU B 367 2.42 -42.52 -5.70
CA LEU B 367 2.11 -41.14 -6.07
C LEU B 367 2.92 -40.79 -7.31
N LEU B 368 2.22 -40.35 -8.36
CA LEU B 368 2.84 -40.06 -9.64
C LEU B 368 3.14 -38.57 -9.76
N ALA B 369 4.43 -38.26 -9.94
CA ALA B 369 4.87 -36.90 -10.22
C ALA B 369 6.09 -36.98 -11.11
N LYS B 370 6.43 -35.84 -11.74
CA LYS B 370 7.58 -35.81 -12.63
C LYS B 370 8.40 -34.55 -12.41
N PRO B 371 9.72 -34.64 -12.53
CA PRO B 371 10.55 -33.44 -12.44
C PRO B 371 10.51 -32.64 -13.74
N THR B 372 10.69 -31.32 -13.61
CA THR B 372 10.64 -30.44 -14.76
C THR B 372 11.98 -29.82 -15.13
N HIS B 373 12.94 -29.78 -14.21
CA HIS B 373 14.25 -29.21 -14.52
C HIS B 373 15.33 -29.84 -13.64
N GLY B 374 15.25 -31.14 -13.42
CA GLY B 374 16.29 -31.86 -12.71
C GLY B 374 16.29 -31.69 -11.21
N ASP B 375 15.78 -30.56 -10.72
CA ASP B 375 15.70 -30.30 -9.29
C ASP B 375 14.34 -29.80 -8.84
N ILE B 376 13.40 -29.58 -9.75
CA ILE B 376 12.07 -29.07 -9.42
C ILE B 376 11.06 -30.19 -9.64
N ILE B 377 10.28 -30.49 -8.62
CA ILE B 377 9.21 -31.49 -8.68
C ILE B 377 7.88 -30.77 -8.56
N ARG B 378 6.95 -31.11 -9.44
CA ARG B 378 5.64 -30.46 -9.50
C ARG B 378 4.61 -31.28 -8.75
N PHE B 379 3.86 -30.61 -7.88
CA PHE B 379 2.75 -31.21 -7.15
C PHE B 379 1.47 -30.49 -7.56
N ALA B 380 0.59 -31.21 -8.25
CA ALA B 380 -0.65 -30.63 -8.77
C ALA B 380 -1.69 -31.71 -8.96
N PRO B 381 -2.35 -32.15 -7.90
CA PRO B 381 -3.40 -33.16 -8.03
C PRO B 381 -4.65 -32.54 -8.65
N PRO B 382 -5.58 -33.35 -9.14
CA PRO B 382 -6.83 -32.80 -9.65
C PRO B 382 -7.57 -32.01 -8.58
N LEU B 383 -8.34 -31.02 -9.02
CA LEU B 383 -9.00 -30.10 -8.10
C LEU B 383 -10.18 -30.73 -7.37
N VAL B 384 -10.55 -31.98 -7.70
CA VAL B 384 -11.62 -32.66 -6.99
C VAL B 384 -11.13 -33.43 -5.78
N ILE B 385 -9.84 -33.34 -5.45
CA ILE B 385 -9.31 -34.06 -4.31
C ILE B 385 -9.89 -33.49 -3.02
N LYS B 386 -10.04 -34.35 -2.02
CA LYS B 386 -10.54 -33.96 -0.72
C LYS B 386 -9.38 -33.85 0.27
N GLU B 387 -9.68 -33.28 1.44
CA GLU B 387 -8.63 -32.96 2.40
C GLU B 387 -7.96 -34.22 2.94
N ASP B 388 -8.74 -35.26 3.23
CA ASP B 388 -8.17 -36.49 3.77
C ASP B 388 -7.26 -37.17 2.75
N GLU B 389 -7.69 -37.24 1.50
CA GLU B 389 -6.84 -37.79 0.44
C GLU B 389 -5.58 -36.95 0.26
N LEU B 390 -5.71 -35.63 0.36
CA LEU B 390 -4.56 -34.75 0.26
C LEU B 390 -3.57 -35.03 1.39
N ARG B 391 -4.06 -35.24 2.61
CA ARG B 391 -3.16 -35.51 3.73
C ARG B 391 -2.53 -36.90 3.61
N GLU B 392 -3.25 -37.87 3.06
CA GLU B 392 -2.66 -39.16 2.75
C GLU B 392 -1.49 -39.00 1.77
N SER B 393 -1.72 -38.22 0.71
CA SER B 393 -0.65 -37.97 -0.26
C SER B 393 0.51 -37.22 0.37
N ILE B 394 0.22 -36.30 1.30
CA ILE B 394 1.27 -35.56 1.98
C ILE B 394 2.12 -36.48 2.84
N GLU B 395 1.47 -37.41 3.56
CA GLU B 395 2.23 -38.40 4.33
C GLU B 395 3.06 -39.28 3.42
N ILE B 396 2.54 -39.63 2.25
CA ILE B 396 3.31 -40.39 1.27
C ILE B 396 4.55 -39.60 0.86
N ILE B 397 4.38 -38.32 0.54
CA ILE B 397 5.50 -37.49 0.12
C ILE B 397 6.53 -37.38 1.24
N ASN B 398 6.07 -37.25 2.49
CA ASN B 398 6.99 -37.16 3.62
C ASN B 398 7.80 -38.44 3.77
N LYS B 399 7.12 -39.60 3.78
CA LYS B 399 7.81 -40.88 3.89
C LYS B 399 8.80 -41.08 2.74
N THR B 400 8.47 -40.59 1.55
CA THR B 400 9.38 -40.75 0.42
C THR B 400 10.60 -39.84 0.56
N ILE B 401 10.39 -38.57 0.94
CA ILE B 401 11.49 -37.62 1.04
C ILE B 401 12.44 -38.04 2.15
N LEU B 402 11.91 -38.40 3.32
CA LEU B 402 12.78 -38.76 4.44
C LEU B 402 13.42 -40.14 4.28
N SER B 403 13.04 -40.90 3.26
CA SER B 403 13.62 -42.22 3.06
C SER B 403 15.00 -42.17 2.43
N PHE B 404 15.37 -41.05 1.82
CA PHE B 404 16.69 -40.91 1.20
C PHE B 404 17.76 -40.56 2.23
N PRO C 2 -12.46 49.98 -19.28
CA PRO C 2 -11.29 49.16 -19.62
C PRO C 2 -10.34 48.98 -18.44
N PRO C 3 -10.80 48.28 -17.40
CA PRO C 3 -10.00 48.20 -16.16
C PRO C 3 -8.78 47.30 -16.34
N THR C 4 -7.66 47.75 -15.77
CA THR C 4 -6.45 46.94 -15.77
C THR C 4 -6.59 45.80 -14.76
N SER C 5 -5.54 44.99 -14.65
CA SER C 5 -5.54 43.91 -13.67
C SER C 5 -5.57 44.46 -12.24
N ASP C 6 -4.85 45.56 -11.99
CA ASP C 6 -4.85 46.17 -10.67
C ASP C 6 -6.23 46.69 -10.31
N ASP C 7 -6.94 47.26 -11.28
CA ASP C 7 -8.32 47.69 -11.03
C ASP C 7 -9.19 46.53 -10.59
N ILE C 8 -9.06 45.38 -11.25
CA ILE C 8 -9.86 44.21 -10.90
C ILE C 8 -9.49 43.70 -9.51
N PHE C 9 -8.19 43.64 -9.21
CA PHE C 9 -7.75 43.23 -7.88
C PHE C 9 -8.35 44.11 -6.81
N GLU C 10 -8.25 45.44 -6.99
CA GLU C 10 -8.75 46.36 -5.96
C GLU C 10 -10.26 46.32 -5.86
N ARG C 11 -10.96 46.14 -6.98
CA ARG C 11 -12.42 46.06 -6.92
C ARG C 11 -12.88 44.83 -6.15
N GLU C 12 -12.26 43.67 -6.41
CA GLU C 12 -12.59 42.48 -5.64
C GLU C 12 -12.21 42.66 -4.18
N TYR C 13 -11.06 43.28 -3.90
CA TYR C 13 -10.64 43.53 -2.53
C TYR C 13 -11.63 44.43 -1.80
N LYS C 14 -12.27 45.34 -2.53
CA LYS C 14 -13.19 46.28 -1.89
C LYS C 14 -14.58 45.66 -1.69
N TYR C 15 -15.09 44.93 -2.68
CA TYR C 15 -16.47 44.48 -2.64
C TYR C 15 -16.65 42.98 -2.47
N GLY C 16 -15.57 42.20 -2.48
CA GLY C 16 -15.66 40.75 -2.34
C GLY C 16 -15.06 40.28 -1.03
N ALA C 17 -15.59 39.16 -0.53
CA ALA C 17 -15.02 38.55 0.67
C ALA C 17 -13.57 38.15 0.43
N HIS C 18 -12.77 38.19 1.49
CA HIS C 18 -11.35 37.87 1.41
C HIS C 18 -11.06 36.42 1.75
N ASN C 19 -11.90 35.48 1.31
CA ASN C 19 -11.67 34.07 1.60
C ASN C 19 -10.67 33.42 0.66
N TYR C 20 -10.05 34.19 -0.24
CA TYR C 20 -9.06 33.67 -1.17
C TYR C 20 -7.88 34.64 -1.25
N HIS C 21 -6.71 34.07 -1.55
CA HIS C 21 -5.51 34.85 -1.91
C HIS C 21 -5.04 34.31 -3.25
N PRO C 22 -5.65 34.75 -4.34
CA PRO C 22 -5.33 34.19 -5.66
C PRO C 22 -3.99 34.67 -6.17
N LEU C 23 -3.44 33.92 -7.12
CA LEU C 23 -2.26 34.39 -7.83
C LEU C 23 -2.63 35.65 -8.61
N PRO C 24 -1.86 36.73 -8.48
CA PRO C 24 -2.26 38.00 -9.10
C PRO C 24 -2.24 37.95 -10.62
N VAL C 25 -3.31 37.43 -11.22
CA VAL C 25 -3.52 37.48 -12.66
C VAL C 25 -5.02 37.54 -12.91
N ALA C 26 -5.43 38.42 -13.83
CA ALA C 26 -6.84 38.70 -14.08
C ALA C 26 -7.20 38.23 -15.48
N LEU C 27 -7.70 36.99 -15.57
CA LEU C 27 -8.03 36.41 -16.87
C LEU C 27 -9.37 36.91 -17.37
N GLU C 28 -9.47 37.07 -18.70
CA GLU C 28 -10.71 37.45 -19.35
C GLU C 28 -11.20 36.46 -20.39
N ARG C 29 -10.31 35.65 -20.98
CA ARG C 29 -10.73 34.71 -22.01
C ARG C 29 -10.02 33.37 -21.81
N GLY C 30 -10.65 32.30 -22.28
CA GLY C 30 -10.05 30.98 -22.19
C GLY C 30 -10.46 30.07 -23.33
N LYS C 31 -9.51 29.31 -23.87
CA LYS C 31 -9.82 28.39 -24.96
C LYS C 31 -8.83 27.23 -24.93
N GLY C 32 -9.36 26.01 -24.82
CA GLY C 32 -8.51 24.83 -24.81
C GLY C 32 -7.59 24.84 -23.61
N ILE C 33 -6.28 24.87 -23.87
CA ILE C 33 -5.28 24.90 -22.81
C ILE C 33 -4.85 26.31 -22.43
N TYR C 34 -5.35 27.32 -23.13
CA TYR C 34 -4.81 28.67 -23.02
C TYR C 34 -5.78 29.61 -22.31
N LEU C 35 -5.20 30.59 -21.61
CA LEU C 35 -5.95 31.66 -20.98
C LEU C 35 -5.36 33.00 -21.41
N TRP C 36 -6.20 34.03 -21.38
CA TRP C 36 -5.80 35.39 -21.75
C TRP C 36 -6.30 36.36 -20.69
N ASP C 37 -5.40 37.22 -20.22
CA ASP C 37 -5.73 38.23 -19.23
C ASP C 37 -6.22 39.50 -19.92
N VAL C 38 -6.52 40.53 -19.13
CA VAL C 38 -7.13 41.74 -19.67
C VAL C 38 -6.13 42.59 -20.44
N GLU C 39 -4.83 42.39 -20.23
CA GLU C 39 -3.81 43.11 -21.00
C GLU C 39 -3.44 42.39 -22.29
N GLY C 40 -3.97 41.19 -22.53
CA GLY C 40 -3.71 40.46 -23.74
C GLY C 40 -2.70 39.33 -23.62
N ARG C 41 -2.07 39.18 -22.45
CA ARG C 41 -1.07 38.12 -22.29
C ARG C 41 -1.70 36.75 -22.42
N LYS C 42 -0.92 35.81 -22.95
CA LYS C 42 -1.35 34.44 -23.17
C LYS C 42 -0.61 33.52 -22.21
N TYR C 43 -1.35 32.59 -21.60
CA TYR C 43 -0.80 31.70 -20.59
C TYR C 43 -1.23 30.26 -20.83
N PHE C 44 -0.32 29.33 -20.55
CA PHE C 44 -0.70 27.94 -20.39
C PHE C 44 -1.41 27.75 -19.06
N ASP C 45 -2.58 27.12 -19.10
CA ASP C 45 -3.35 26.81 -17.89
C ASP C 45 -2.88 25.46 -17.37
N PHE C 46 -2.07 25.47 -16.32
CA PHE C 46 -1.60 24.25 -15.68
C PHE C 46 -2.30 23.98 -14.36
N LEU C 47 -3.51 24.53 -14.18
CA LEU C 47 -4.37 24.21 -13.06
C LEU C 47 -5.69 23.58 -13.50
N SER C 48 -6.19 23.95 -14.67
CA SER C 48 -7.43 23.39 -15.22
C SER C 48 -8.62 23.58 -14.28
N SER C 49 -8.61 24.68 -13.53
CA SER C 49 -9.66 24.96 -12.55
C SER C 49 -9.85 23.78 -11.60
N TYR C 50 -8.73 23.21 -11.15
CA TYR C 50 -8.72 22.03 -10.29
C TYR C 50 -9.39 20.83 -10.96
N SER C 51 -8.99 20.60 -12.22
CA SER C 51 -9.47 19.50 -13.05
C SER C 51 -10.92 19.65 -13.47
N ALA C 52 -11.47 20.87 -13.44
CA ALA C 52 -12.83 21.07 -13.88
C ALA C 52 -12.94 21.29 -15.39
N VAL C 53 -11.89 21.82 -16.01
CA VAL C 53 -11.88 21.97 -17.47
C VAL C 53 -10.90 20.97 -18.06
N ASN C 54 -11.09 19.69 -17.71
CA ASN C 54 -10.32 18.61 -18.33
C ASN C 54 -10.43 18.66 -19.86
N GLN C 55 -11.60 19.01 -20.36
CA GLN C 55 -11.86 19.08 -21.79
C GLN C 55 -11.36 20.37 -22.42
N GLY C 56 -10.68 21.22 -21.67
CA GLY C 56 -10.28 22.51 -22.16
C GLY C 56 -11.32 23.58 -21.89
N HIS C 57 -10.87 24.84 -21.86
CA HIS C 57 -11.76 25.95 -21.65
C HIS C 57 -12.68 26.12 -22.86
N CYS C 58 -13.99 26.20 -22.61
CA CYS C 58 -15.00 26.48 -23.62
C CYS C 58 -14.91 25.49 -24.78
N HIS C 59 -15.08 24.21 -24.46
CA HIS C 59 -15.10 23.20 -25.51
C HIS C 59 -16.34 23.40 -26.37
N PRO C 60 -16.20 23.49 -27.70
CA PRO C 60 -17.34 23.85 -28.53
C PRO C 60 -18.52 22.89 -28.45
N LYS C 61 -18.28 21.59 -28.25
CA LYS C 61 -19.38 20.66 -28.10
C LYS C 61 -20.21 20.98 -26.85
N ILE C 62 -19.54 21.22 -25.73
CA ILE C 62 -20.24 21.52 -24.49
C ILE C 62 -20.92 22.89 -24.57
N VAL C 63 -20.23 23.87 -25.17
CA VAL C 63 -20.83 25.18 -25.37
C VAL C 63 -22.09 25.08 -26.21
N ASN C 64 -22.06 24.25 -27.26
CA ASN C 64 -23.21 24.12 -28.14
C ASN C 64 -24.36 23.39 -27.45
N ALA C 65 -24.04 22.38 -26.63
CA ALA C 65 -25.08 21.74 -25.84
C ALA C 65 -25.77 22.75 -24.92
N LEU C 66 -24.97 23.57 -24.24
CA LEU C 66 -25.54 24.58 -23.35
C LEU C 66 -26.41 25.58 -24.12
N LYS C 67 -25.90 26.07 -25.25
CA LYS C 67 -26.65 27.05 -26.05
C LYS C 67 -27.95 26.45 -26.58
N SER C 68 -27.90 25.19 -27.02
CA SER C 68 -29.12 24.56 -27.54
C SER C 68 -30.15 24.35 -26.45
N GLN C 69 -29.72 23.94 -25.25
CA GLN C 69 -30.68 23.64 -24.20
C GLN C 69 -31.26 24.92 -23.59
N VAL C 70 -30.45 25.97 -23.46
CA VAL C 70 -30.89 27.17 -22.75
C VAL C 70 -32.07 27.83 -23.44
N ASP C 71 -32.28 27.57 -24.74
CA ASP C 71 -33.44 28.12 -25.43
C ASP C 71 -34.73 27.36 -25.13
N LYS C 72 -34.63 26.10 -24.69
CA LYS C 72 -35.81 25.27 -24.46
C LYS C 72 -36.28 25.32 -23.01
N LEU C 73 -35.43 24.90 -22.09
CA LEU C 73 -35.78 24.78 -20.67
C LEU C 73 -34.50 24.74 -19.86
N THR C 74 -34.50 25.45 -18.74
CA THR C 74 -33.33 25.47 -17.86
C THR C 74 -33.60 24.91 -16.47
N LEU C 75 -34.79 25.16 -15.92
CA LEU C 75 -35.09 24.69 -14.57
C LEU C 75 -36.59 24.57 -14.39
N THR C 76 -37.04 23.39 -13.97
CA THR C 76 -38.43 23.17 -13.58
C THR C 76 -38.58 22.85 -12.11
N SER C 77 -37.48 22.66 -11.38
CA SER C 77 -37.45 22.09 -10.04
C SER C 77 -37.90 20.64 -10.07
N ARG C 78 -37.53 19.87 -9.05
CA ARG C 78 -37.89 18.47 -9.01
C ARG C 78 -39.34 18.23 -8.64
N ALA C 79 -40.13 19.29 -8.44
CA ALA C 79 -41.57 19.13 -8.24
C ALA C 79 -42.23 18.52 -9.46
N PHE C 80 -41.63 18.68 -10.64
CA PHE C 80 -42.11 18.08 -11.88
C PHE C 80 -40.96 17.31 -12.53
N TYR C 81 -41.28 16.65 -13.64
CA TYR C 81 -40.28 15.95 -14.45
C TYR C 81 -39.84 16.84 -15.60
N ASN C 82 -38.55 16.79 -15.93
CA ASN C 82 -38.05 17.32 -17.18
C ASN C 82 -37.57 16.17 -18.05
N ASN C 83 -37.59 16.39 -19.37
CA ASN C 83 -37.37 15.29 -20.30
C ASN C 83 -35.89 14.88 -20.41
N VAL C 84 -34.98 15.71 -19.93
CA VAL C 84 -33.55 15.48 -20.17
C VAL C 84 -32.94 14.58 -19.09
N LEU C 85 -33.39 14.72 -17.83
CA LEU C 85 -32.70 14.10 -16.71
C LEU C 85 -32.56 12.59 -16.87
N GLY C 86 -33.63 11.92 -17.30
CA GLY C 86 -33.56 10.47 -17.43
C GLY C 86 -32.58 10.00 -18.49
N GLU C 87 -32.49 10.74 -19.60
CA GLU C 87 -31.52 10.40 -20.64
C GLU C 87 -30.10 10.45 -20.08
N TYR C 88 -29.77 11.53 -19.37
CA TYR C 88 -28.47 11.64 -18.73
C TYR C 88 -28.24 10.54 -17.70
N GLU C 89 -29.28 10.19 -16.94
CA GLU C 89 -29.15 9.16 -15.92
C GLU C 89 -28.82 7.82 -16.54
N GLU C 90 -29.59 7.42 -17.57
CA GLU C 90 -29.30 6.18 -18.27
C GLU C 90 -27.88 6.20 -18.85
N TYR C 91 -27.49 7.31 -19.48
CA TYR C 91 -26.17 7.40 -20.08
C TYR C 91 -25.08 7.19 -19.04
N ILE C 92 -25.13 7.93 -17.93
CA ILE C 92 -24.02 7.89 -16.97
C ILE C 92 -24.02 6.56 -16.21
N THR C 93 -25.19 6.00 -15.90
CA THR C 93 -25.22 4.73 -15.18
C THR C 93 -24.73 3.59 -16.06
N LYS C 94 -25.01 3.64 -17.37
CA LYS C 94 -24.45 2.63 -18.25
C LYS C 94 -22.96 2.85 -18.48
N LEU C 95 -22.51 4.10 -18.44
CA LEU C 95 -21.09 4.38 -18.64
C LEU C 95 -20.26 3.85 -17.48
N PHE C 96 -20.67 4.13 -16.25
CA PHE C 96 -19.90 3.70 -15.09
C PHE C 96 -20.39 2.39 -14.48
N ASN C 97 -21.43 1.78 -15.05
CA ASN C 97 -21.92 0.46 -14.66
C ASN C 97 -22.35 0.44 -13.18
N TYR C 98 -23.26 1.35 -12.85
CA TYR C 98 -23.97 1.32 -11.58
C TYR C 98 -25.46 1.37 -11.86
N HIS C 99 -26.25 0.88 -10.91
CA HIS C 99 -27.69 0.87 -11.08
C HIS C 99 -28.23 2.29 -11.21
N LYS C 100 -27.88 3.17 -10.28
CA LYS C 100 -28.53 4.47 -10.21
C LYS C 100 -27.53 5.57 -9.88
N VAL C 101 -27.95 6.79 -10.22
CA VAL C 101 -27.22 8.02 -9.93
C VAL C 101 -28.17 8.97 -9.23
N LEU C 102 -27.67 9.67 -8.22
CA LEU C 102 -28.36 10.79 -7.60
C LEU C 102 -27.65 12.07 -8.03
N PRO C 103 -28.34 13.00 -8.68
CA PRO C 103 -27.68 14.21 -9.18
C PRO C 103 -27.69 15.36 -8.18
N MET C 104 -26.54 16.01 -8.06
CA MET C 104 -26.42 17.22 -7.26
C MET C 104 -25.66 18.27 -8.07
N ASN C 105 -25.26 19.36 -7.42
CA ASN C 105 -24.64 20.48 -8.12
C ASN C 105 -23.14 20.56 -7.86
N THR C 106 -22.74 20.73 -6.61
CA THR C 106 -21.33 20.88 -6.27
C THR C 106 -20.77 19.58 -5.71
N GLY C 107 -19.44 19.50 -5.66
CA GLY C 107 -18.79 18.29 -5.18
C GLY C 107 -19.09 18.01 -3.72
N VAL C 108 -19.10 19.06 -2.89
CA VAL C 108 -19.38 18.85 -1.47
C VAL C 108 -20.81 18.37 -1.26
N GLU C 109 -21.73 18.73 -2.17
CA GLU C 109 -23.09 18.21 -2.08
C GLU C 109 -23.11 16.71 -2.36
N ALA C 110 -22.31 16.25 -3.33
CA ALA C 110 -22.19 14.82 -3.56
C ALA C 110 -21.58 14.12 -2.35
N GLY C 111 -20.60 14.76 -1.70
CA GLY C 111 -20.04 14.17 -0.48
C GLY C 111 -21.05 14.07 0.64
N GLU C 112 -21.84 15.13 0.85
CA GLU C 112 -22.90 15.09 1.85
C GLU C 112 -23.92 14.00 1.53
N THR C 113 -24.27 13.86 0.25
CA THR C 113 -25.18 12.81 -0.17
C THR C 113 -24.59 11.42 0.13
N ALA C 114 -23.28 11.26 -0.12
CA ALA C 114 -22.64 9.98 0.16
C ALA C 114 -22.65 9.66 1.65
N CYS C 115 -22.39 10.67 2.49
CA CYS C 115 -22.43 10.44 3.94
C CYS C 115 -23.85 10.08 4.40
N LYS C 116 -24.86 10.79 3.88
CA LYS C 116 -26.24 10.49 4.25
C LYS C 116 -26.65 9.09 3.78
N LEU C 117 -26.23 8.70 2.57
CA LEU C 117 -26.52 7.37 2.08
C LEU C 117 -25.83 6.30 2.93
N ALA C 118 -24.58 6.55 3.31
CA ALA C 118 -23.86 5.61 4.17
C ALA C 118 -24.58 5.43 5.50
N ARG C 119 -24.99 6.54 6.12
CA ARG C 119 -25.69 6.45 7.40
C ARG C 119 -27.04 5.75 7.26
N LYS C 120 -27.80 6.11 6.23
CA LYS C 120 -29.12 5.51 6.03
C LYS C 120 -29.00 4.02 5.77
N TRP C 121 -27.99 3.61 4.99
CA TRP C 121 -27.78 2.19 4.74
C TRP C 121 -27.29 1.47 5.98
N GLY C 122 -26.46 2.13 6.79
CA GLY C 122 -25.98 1.51 8.01
C GLY C 122 -27.06 1.29 9.05
N TYR C 123 -28.07 2.18 9.07
CA TYR C 123 -29.16 1.99 10.01
C TYR C 123 -30.22 1.03 9.47
N THR C 124 -30.64 1.24 8.22
CA THR C 124 -31.79 0.53 7.68
C THR C 124 -31.44 -0.81 7.04
N VAL C 125 -30.17 -1.05 6.71
CA VAL C 125 -29.79 -2.30 6.06
C VAL C 125 -28.80 -3.06 6.92
N LYS C 126 -27.67 -2.43 7.25
CA LYS C 126 -26.67 -3.11 8.07
C LYS C 126 -27.19 -3.40 9.47
N GLY C 127 -27.95 -2.46 10.03
CA GLY C 127 -28.54 -2.64 11.35
C GLY C 127 -27.84 -1.92 12.49
N ILE C 128 -27.05 -0.90 12.20
CA ILE C 128 -26.38 -0.14 13.26
C ILE C 128 -27.41 0.58 14.11
N GLN C 129 -27.18 0.62 15.42
CA GLN C 129 -28.06 1.33 16.32
C GLN C 129 -28.11 2.81 15.94
N LYS C 130 -29.32 3.37 15.96
CA LYS C 130 -29.55 4.68 15.36
C LYS C 130 -28.68 5.75 15.99
N TYR C 131 -27.92 6.43 15.14
CA TYR C 131 -27.13 7.63 15.44
C TYR C 131 -25.81 7.29 16.12
N LYS C 132 -25.36 6.04 15.96
CA LYS C 132 -24.02 5.62 16.34
C LYS C 132 -23.17 5.24 15.13
N ALA C 133 -23.66 5.49 13.91
CA ALA C 133 -22.92 5.10 12.72
C ALA C 133 -21.67 5.97 12.55
N LYS C 134 -20.59 5.32 12.11
CA LYS C 134 -19.31 5.97 11.92
C LYS C 134 -18.96 6.01 10.43
N ILE C 135 -18.25 7.06 10.04
CA ILE C 135 -17.65 7.15 8.71
C ILE C 135 -16.18 7.43 8.90
N VAL C 136 -15.34 6.65 8.24
CA VAL C 136 -13.89 6.75 8.37
C VAL C 136 -13.35 7.54 7.18
N PHE C 137 -12.48 8.50 7.46
CA PHE C 137 -11.81 9.30 6.47
C PHE C 137 -10.30 9.13 6.63
N ALA C 138 -9.56 9.53 5.61
CA ALA C 138 -8.10 9.52 5.66
C ALA C 138 -7.59 10.92 5.95
N ALA C 139 -6.54 11.00 6.76
CA ALA C 139 -5.89 12.28 7.00
C ALA C 139 -5.44 12.89 5.68
N GLY C 140 -5.55 14.22 5.60
CA GLY C 140 -5.25 14.92 4.36
C GLY C 140 -6.43 15.02 3.41
N ASN C 141 -7.58 14.48 3.77
CA ASN C 141 -8.73 14.47 2.87
C ASN C 141 -9.29 15.88 2.66
N PHE C 142 -9.89 16.09 1.50
CA PHE C 142 -10.61 17.33 1.21
C PHE C 142 -11.80 16.99 0.33
N TRP C 143 -13.00 17.34 0.80
CA TRP C 143 -14.19 17.16 -0.03
C TRP C 143 -15.18 18.31 0.14
N GLY C 144 -14.71 19.50 0.47
CA GLY C 144 -15.56 20.67 0.45
C GLY C 144 -15.43 21.51 1.71
N ARG C 145 -16.34 22.48 1.83
CA ARG C 145 -16.23 23.50 2.87
C ARG C 145 -17.46 23.59 3.77
N THR C 146 -18.39 22.63 3.68
CA THR C 146 -19.49 22.62 4.63
C THR C 146 -18.97 22.30 6.04
N LEU C 147 -19.88 22.37 7.02
CA LEU C 147 -19.49 22.07 8.39
C LEU C 147 -19.06 20.61 8.54
N SER C 148 -19.73 19.71 7.83
CA SER C 148 -19.37 18.28 7.91
C SER C 148 -18.01 18.04 7.25
N ALA C 149 -17.83 18.57 6.04
CA ALA C 149 -16.57 18.37 5.31
C ALA C 149 -15.38 18.85 6.12
N ILE C 150 -15.49 20.02 6.75
CA ILE C 150 -14.40 20.48 7.61
C ILE C 150 -14.36 19.72 8.92
N SER C 151 -15.46 19.11 9.34
CA SER C 151 -15.44 18.27 10.53
C SER C 151 -14.58 17.03 10.31
N SER C 152 -14.48 16.57 9.06
CA SER C 152 -13.60 15.42 8.78
C SER C 152 -12.18 15.82 8.43
N SER C 153 -11.83 17.10 8.43
CA SER C 153 -10.54 17.55 7.93
C SER C 153 -9.47 17.53 9.00
N THR C 154 -8.23 17.24 8.58
CA THR C 154 -7.06 17.39 9.43
C THR C 154 -6.30 18.69 9.14
N ASP C 155 -6.82 19.52 8.23
CA ASP C 155 -6.17 20.78 7.88
C ASP C 155 -6.71 21.87 8.81
N PRO C 156 -5.88 22.46 9.68
CA PRO C 156 -6.40 23.48 10.61
C PRO C 156 -7.00 24.69 9.92
N THR C 157 -6.46 25.12 8.77
CA THR C 157 -7.07 26.25 8.07
C THR C 157 -8.51 25.96 7.67
N SER C 158 -8.84 24.67 7.50
CA SER C 158 -10.19 24.32 7.06
C SER C 158 -11.19 24.40 8.21
N TYR C 159 -10.83 23.90 9.40
CA TYR C 159 -11.79 23.75 10.48
C TYR C 159 -11.59 24.71 11.64
N ASP C 160 -10.43 25.34 11.77
CA ASP C 160 -10.16 26.17 12.95
C ASP C 160 -11.12 27.35 13.00
N GLY C 161 -11.80 27.50 14.13
CA GLY C 161 -12.68 28.62 14.38
C GLY C 161 -14.09 28.47 13.85
N PHE C 162 -14.45 27.32 13.31
CA PHE C 162 -15.75 27.12 12.66
C PHE C 162 -16.68 26.24 13.49
N GLY C 163 -16.69 26.47 14.80
CA GLY C 163 -17.71 25.94 15.68
C GLY C 163 -17.56 24.46 15.99
N PRO C 164 -18.46 23.95 16.84
CA PRO C 164 -18.45 22.52 17.17
C PRO C 164 -18.66 21.69 15.92
N PHE C 165 -18.03 20.52 15.91
CA PHE C 165 -17.91 19.73 14.70
C PHE C 165 -18.84 18.52 14.72
N MET C 166 -19.12 18.01 13.53
CA MET C 166 -20.05 16.90 13.35
C MET C 166 -19.50 15.63 13.99
N PRO C 167 -20.23 15.00 14.90
CA PRO C 167 -19.78 13.72 15.47
C PRO C 167 -19.91 12.60 14.45
N GLY C 168 -19.29 11.47 14.79
CA GLY C 168 -19.38 10.28 13.98
C GLY C 168 -18.39 10.17 12.85
N PHE C 169 -17.37 11.02 12.82
CA PHE C 169 -16.34 10.99 11.80
C PHE C 169 -15.01 10.59 12.43
N ASP C 170 -14.46 9.45 12.02
CA ASP C 170 -13.15 9.01 12.46
C ASP C 170 -12.12 9.27 11.37
N ILE C 171 -10.87 9.43 11.78
CA ILE C 171 -9.79 9.80 10.87
C ILE C 171 -8.62 8.85 11.08
N ILE C 172 -8.19 8.20 10.01
CA ILE C 172 -7.02 7.31 10.03
C ILE C 172 -6.00 7.89 9.07
N PRO C 173 -4.74 7.45 9.14
CA PRO C 173 -3.75 7.90 8.16
C PRO C 173 -4.07 7.39 6.77
N TYR C 174 -3.70 8.19 5.78
CA TYR C 174 -3.84 7.80 4.38
C TYR C 174 -2.79 6.74 4.05
N ASN C 175 -3.08 5.95 3.02
CA ASN C 175 -2.14 4.95 2.50
C ASN C 175 -1.66 4.00 3.60
N ASP C 176 -2.62 3.51 4.39
CA ASP C 176 -2.31 2.74 5.59
C ASP C 176 -3.39 1.67 5.76
N LEU C 177 -3.12 0.48 5.22
CA LEU C 177 -4.05 -0.63 5.31
C LEU C 177 -4.17 -1.19 6.73
N PRO C 178 -3.07 -1.32 7.49
CA PRO C 178 -3.25 -1.73 8.90
C PRO C 178 -4.13 -0.79 9.70
N ALA C 179 -4.02 0.52 9.46
CA ALA C 179 -4.86 1.47 10.16
C ALA C 179 -6.33 1.30 9.80
N LEU C 180 -6.62 1.07 8.52
CA LEU C 180 -8.01 0.83 8.11
C LEU C 180 -8.54 -0.46 8.71
N GLU C 181 -7.71 -1.51 8.73
CA GLU C 181 -8.13 -2.77 9.32
C GLU C 181 -8.41 -2.63 10.81
N ARG C 182 -7.63 -1.79 11.50
CA ARG C 182 -7.90 -1.53 12.91
C ARG C 182 -9.18 -0.71 13.08
N ALA C 183 -9.40 0.26 12.20
CA ALA C 183 -10.59 1.10 12.32
C ALA C 183 -11.87 0.30 12.05
N LEU C 184 -11.80 -0.68 11.15
CA LEU C 184 -12.99 -1.43 10.79
C LEU C 184 -13.37 -2.50 11.81
N GLN C 185 -12.66 -2.57 12.95
CA GLN C 185 -13.09 -3.47 14.02
C GLN C 185 -14.32 -2.96 14.73
N ASP C 186 -14.64 -1.67 14.60
CA ASP C 186 -15.86 -1.12 15.16
C ASP C 186 -17.03 -1.51 14.26
N PRO C 187 -17.98 -2.31 14.76
CA PRO C 187 -19.14 -2.68 13.93
C PRO C 187 -20.04 -1.50 13.58
N ASN C 188 -19.88 -0.35 14.22
CA ASN C 188 -20.70 0.82 13.91
C ASN C 188 -20.18 1.60 12.72
N VAL C 189 -19.07 1.20 12.12
CA VAL C 189 -18.56 1.88 10.93
C VAL C 189 -19.45 1.52 9.75
N ALA C 190 -20.06 2.54 9.14
CA ALA C 190 -20.89 2.32 7.96
C ALA C 190 -20.10 2.42 6.67
N ALA C 191 -19.12 3.32 6.60
CA ALA C 191 -18.43 3.53 5.35
C ALA C 191 -17.03 4.09 5.59
N PHE C 192 -16.17 3.88 4.60
CA PHE C 192 -14.86 4.50 4.50
C PHE C 192 -14.83 5.31 3.22
N MET C 193 -14.70 6.63 3.35
CA MET C 193 -14.62 7.53 2.22
C MET C 193 -13.17 7.93 2.00
N VAL C 194 -12.70 7.79 0.76
CA VAL C 194 -11.29 8.02 0.47
C VAL C 194 -11.14 8.50 -0.98
N GLU C 195 -10.09 9.30 -1.21
CA GLU C 195 -9.65 9.75 -2.52
C GLU C 195 -8.61 8.78 -3.07
N PRO C 196 -8.78 8.26 -4.29
CA PRO C 196 -7.74 7.39 -4.85
C PRO C 196 -6.40 8.07 -4.97
N ILE C 197 -6.41 9.38 -5.21
CA ILE C 197 -5.23 10.25 -5.07
C ILE C 197 -5.69 11.50 -4.35
N GLN C 198 -4.97 11.88 -3.30
CA GLN C 198 -5.34 13.08 -2.54
C GLN C 198 -4.83 14.31 -3.28
N GLY C 199 -5.73 14.97 -4.01
CA GLY C 199 -5.38 16.11 -4.81
C GLY C 199 -5.05 17.36 -4.02
N GLU C 200 -5.99 17.82 -3.20
CA GLU C 200 -5.80 19.06 -2.45
C GLU C 200 -4.65 18.96 -1.46
N ALA C 201 -4.34 17.74 -1.00
CA ALA C 201 -3.23 17.53 -0.08
C ALA C 201 -1.87 17.63 -0.76
N GLY C 202 -1.82 17.80 -2.07
CA GLY C 202 -0.57 17.89 -2.79
C GLY C 202 -0.31 16.69 -3.68
N VAL C 203 -1.36 16.15 -4.27
CA VAL C 203 -1.29 15.02 -5.20
C VAL C 203 -0.54 13.86 -4.52
N VAL C 204 -1.10 13.36 -3.42
CA VAL C 204 -0.48 12.27 -2.67
C VAL C 204 -0.97 10.96 -3.27
N VAL C 205 -0.06 10.21 -3.87
CA VAL C 205 -0.38 8.94 -4.54
C VAL C 205 -0.10 7.81 -3.56
N PRO C 206 -1.07 6.96 -3.26
CA PRO C 206 -0.82 5.83 -2.35
C PRO C 206 -0.01 4.74 -3.06
N ASP C 207 0.52 3.83 -2.25
CA ASP C 207 1.31 2.74 -2.79
C ASP C 207 0.45 1.83 -3.66
N PRO C 208 1.04 1.13 -4.62
CA PRO C 208 0.28 0.14 -5.39
C PRO C 208 -0.30 -0.93 -4.48
N GLY C 209 -1.52 -1.36 -4.79
CA GLY C 209 -2.23 -2.32 -3.98
C GLY C 209 -3.07 -1.74 -2.88
N TYR C 210 -2.95 -0.44 -2.61
CA TYR C 210 -3.74 0.17 -1.54
C TYR C 210 -5.24 0.10 -1.84
N LEU C 211 -5.62 0.31 -3.09
CA LEU C 211 -7.04 0.43 -3.41
C LEU C 211 -7.75 -0.92 -3.31
N MET C 212 -7.15 -1.99 -3.82
CA MET C 212 -7.78 -3.30 -3.68
C MET C 212 -7.66 -3.82 -2.25
N GLY C 213 -6.66 -3.38 -1.48
CA GLY C 213 -6.67 -3.65 -0.05
C GLY C 213 -7.84 -2.98 0.64
N VAL C 214 -8.15 -1.73 0.25
CA VAL C 214 -9.29 -1.03 0.82
C VAL C 214 -10.59 -1.75 0.47
N ARG C 215 -10.73 -2.15 -0.81
CA ARG C 215 -11.91 -2.88 -1.22
C ARG C 215 -12.04 -4.20 -0.48
N GLU C 216 -10.95 -4.95 -0.34
CA GLU C 216 -10.99 -6.21 0.39
C GLU C 216 -11.40 -6.01 1.84
N LEU C 217 -10.81 -5.02 2.51
CA LEU C 217 -11.14 -4.76 3.90
C LEU C 217 -12.59 -4.32 4.06
N CYS C 218 -13.09 -3.49 3.14
CA CYS C 218 -14.47 -3.02 3.22
C CYS C 218 -15.46 -4.16 3.00
N THR C 219 -15.19 -5.03 2.02
CA THR C 219 -16.07 -6.17 1.78
C THR C 219 -16.03 -7.13 2.95
N ARG C 220 -14.85 -7.34 3.55
CA ARG C 220 -14.73 -8.31 4.64
C ARG C 220 -15.56 -7.89 5.84
N HIS C 221 -15.64 -6.59 6.13
CA HIS C 221 -16.27 -6.09 7.35
C HIS C 221 -17.63 -5.45 7.08
N GLN C 222 -18.21 -5.63 5.90
CA GLN C 222 -19.51 -5.07 5.54
C GLN C 222 -19.52 -3.56 5.75
N VAL C 223 -18.57 -2.90 5.09
CA VAL C 223 -18.41 -1.45 5.15
C VAL C 223 -18.43 -0.91 3.74
N LEU C 224 -19.12 0.21 3.53
CA LEU C 224 -19.25 0.79 2.21
C LEU C 224 -17.95 1.49 1.79
N PHE C 225 -17.44 1.13 0.62
CA PHE C 225 -16.30 1.81 0.01
C PHE C 225 -16.84 3.01 -0.77
N ILE C 226 -16.50 4.22 -0.31
CA ILE C 226 -16.86 5.46 -1.00
C ILE C 226 -15.59 6.02 -1.63
N ALA C 227 -15.56 6.06 -2.95
CA ALA C 227 -14.45 6.64 -3.70
C ALA C 227 -14.84 8.04 -4.14
N ASP C 228 -14.14 9.04 -3.61
CA ASP C 228 -14.32 10.41 -4.03
C ASP C 228 -13.46 10.63 -5.26
N GLU C 229 -14.08 10.58 -6.44
CA GLU C 229 -13.41 10.79 -7.71
C GLU C 229 -13.75 12.14 -8.32
N ILE C 230 -14.09 13.12 -7.46
CA ILE C 230 -14.51 14.42 -7.95
C ILE C 230 -13.35 15.16 -8.63
N GLN C 231 -12.13 14.95 -8.15
CA GLN C 231 -10.95 15.53 -8.79
C GLN C 231 -10.15 14.54 -9.62
N THR C 232 -10.16 13.26 -9.23
CA THR C 232 -9.33 12.26 -9.90
C THR C 232 -10.03 11.55 -11.05
N GLY C 233 -11.36 11.62 -11.13
CA GLY C 233 -12.07 10.93 -12.18
C GLY C 233 -12.01 11.64 -13.53
N LEU C 234 -12.70 11.05 -14.50
CA LEU C 234 -12.97 11.67 -15.79
C LEU C 234 -11.68 11.99 -16.54
N ALA C 235 -10.85 10.97 -16.73
CA ALA C 235 -9.67 10.91 -17.58
C ALA C 235 -8.46 11.67 -17.01
N ARG C 236 -8.60 12.41 -15.90
CA ARG C 236 -7.50 13.24 -15.41
C ARG C 236 -6.26 12.42 -15.09
N THR C 237 -6.44 11.28 -14.42
CA THR C 237 -5.30 10.43 -14.06
C THR C 237 -4.96 9.40 -15.13
N GLY C 238 -5.66 9.41 -16.26
CA GLY C 238 -5.44 8.46 -17.31
C GLY C 238 -6.46 7.34 -17.41
N ARG C 239 -7.53 7.40 -16.61
CA ARG C 239 -8.59 6.41 -16.63
C ARG C 239 -9.92 7.11 -16.42
N TRP C 240 -11.01 6.42 -16.74
CA TRP C 240 -12.33 6.95 -16.43
C TRP C 240 -12.46 7.24 -14.94
N LEU C 241 -12.04 6.29 -14.11
CA LEU C 241 -11.93 6.48 -12.67
C LEU C 241 -10.51 6.10 -12.26
N ALA C 242 -9.96 6.84 -11.30
CA ALA C 242 -8.63 6.52 -10.80
C ALA C 242 -8.58 5.10 -10.24
N VAL C 243 -9.68 4.67 -9.60
CA VAL C 243 -9.75 3.31 -9.05
C VAL C 243 -9.60 2.25 -10.14
N ASP C 244 -9.78 2.62 -11.41
CA ASP C 244 -9.58 1.66 -12.49
C ASP C 244 -8.14 1.19 -12.58
N TYR C 245 -7.18 1.95 -12.03
CA TYR C 245 -5.79 1.52 -12.10
C TYR C 245 -5.58 0.19 -11.36
N GLU C 246 -6.41 -0.09 -10.36
CA GLU C 246 -6.37 -1.37 -9.66
C GLU C 246 -7.62 -2.19 -9.87
N ASN C 247 -8.53 -1.73 -10.75
CA ASN C 247 -9.71 -2.49 -11.17
C ASN C 247 -10.56 -2.91 -9.97
N VAL C 248 -10.90 -1.95 -9.13
CA VAL C 248 -11.75 -2.21 -7.97
C VAL C 248 -13.04 -1.42 -8.15
N ARG C 249 -14.13 -2.00 -7.68
CA ARG C 249 -15.46 -1.40 -7.83
C ARG C 249 -15.91 -0.87 -6.47
N PRO C 250 -15.85 0.45 -6.24
CA PRO C 250 -16.35 0.99 -4.98
C PRO C 250 -17.85 0.81 -4.85
N ASP C 251 -18.34 0.93 -3.62
CA ASP C 251 -19.78 0.86 -3.40
C ASP C 251 -20.47 2.15 -3.82
N ILE C 252 -19.82 3.29 -3.59
CA ILE C 252 -20.33 4.60 -3.99
C ILE C 252 -19.21 5.34 -4.69
N VAL C 253 -19.53 5.97 -5.82
CA VAL C 253 -18.56 6.77 -6.57
C VAL C 253 -19.08 8.20 -6.66
N LEU C 254 -18.21 9.15 -6.34
CA LEU C 254 -18.56 10.57 -6.42
C LEU C 254 -17.89 11.19 -7.65
N LEU C 255 -18.67 11.86 -8.48
CA LEU C 255 -18.17 12.57 -9.64
C LEU C 255 -18.56 14.04 -9.57
N GLY C 256 -17.72 14.90 -10.16
CA GLY C 256 -17.99 16.32 -10.21
C GLY C 256 -17.01 17.04 -11.13
N LYS C 257 -16.83 18.33 -10.90
CA LYS C 257 -15.81 19.11 -11.61
C LYS C 257 -15.94 19.02 -13.12
N ALA C 258 -15.11 18.17 -13.73
CA ALA C 258 -15.08 18.01 -15.18
C ALA C 258 -16.34 17.35 -15.73
N LEU C 259 -17.28 16.93 -14.86
CA LEU C 259 -18.53 16.37 -15.33
C LEU C 259 -19.29 17.34 -16.23
N SER C 260 -18.97 18.63 -16.17
CA SER C 260 -19.59 19.62 -17.04
C SER C 260 -18.60 20.38 -17.90
N GLY C 261 -17.30 20.08 -17.79
CA GLY C 261 -16.32 20.84 -18.54
C GLY C 261 -16.13 22.26 -18.08
N GLY C 262 -16.64 22.61 -16.89
CA GLY C 262 -16.52 23.95 -16.36
C GLY C 262 -17.65 24.89 -16.70
N LEU C 263 -18.67 24.41 -17.43
CA LEU C 263 -19.77 25.26 -17.87
C LEU C 263 -20.94 25.30 -16.89
N TYR C 264 -20.97 24.42 -15.90
CA TYR C 264 -22.12 24.31 -15.01
C TYR C 264 -21.74 23.49 -13.78
N PRO C 265 -22.21 23.85 -12.59
CA PRO C 265 -21.95 22.98 -11.42
C PRO C 265 -22.81 21.74 -11.45
N VAL C 266 -22.21 20.60 -11.82
CA VAL C 266 -22.90 19.32 -11.86
C VAL C 266 -22.07 18.29 -11.11
N SER C 267 -22.71 17.56 -10.20
CA SER C 267 -22.08 16.47 -9.48
C SER C 267 -23.01 15.26 -9.47
N ALA C 268 -22.45 14.09 -9.20
CA ALA C 268 -23.19 12.84 -9.31
C ALA C 268 -22.74 11.86 -8.23
N VAL C 269 -23.70 11.10 -7.71
CA VAL C 269 -23.43 10.04 -6.74
C VAL C 269 -23.93 8.74 -7.35
N LEU C 270 -23.01 7.82 -7.64
CA LEU C 270 -23.34 6.58 -8.33
C LEU C 270 -23.28 5.41 -7.36
N CYS C 271 -24.34 4.59 -7.34
CA CYS C 271 -24.31 3.35 -6.57
C CYS C 271 -25.47 2.46 -7.01
N ASP C 272 -25.47 1.23 -6.51
CA ASP C 272 -26.45 0.22 -6.86
C ASP C 272 -27.73 0.40 -6.04
N ASP C 273 -28.73 -0.44 -6.34
CA ASP C 273 -30.08 -0.25 -5.79
C ASP C 273 -30.09 -0.42 -4.27
N ASP C 274 -29.41 -1.45 -3.75
CA ASP C 274 -29.49 -1.74 -2.33
C ASP C 274 -28.94 -0.61 -1.46
N ILE C 275 -28.11 0.26 -2.03
CA ILE C 275 -27.65 1.45 -1.32
C ILE C 275 -28.52 2.66 -1.63
N MET C 276 -28.78 2.88 -2.92
CA MET C 276 -29.47 4.10 -3.33
C MET C 276 -30.90 4.17 -2.82
N LEU C 277 -31.61 3.05 -2.86
CA LEU C 277 -33.03 3.03 -2.51
C LEU C 277 -33.29 3.11 -1.01
N THR C 278 -32.24 3.22 -0.18
CA THR C 278 -32.46 3.45 1.24
C THR C 278 -33.00 4.86 1.50
N ILE C 279 -32.83 5.77 0.54
CA ILE C 279 -33.38 7.12 0.64
C ILE C 279 -34.74 7.13 -0.06
N LYS C 280 -35.78 7.43 0.69
CA LYS C 280 -37.16 7.44 0.22
C LYS C 280 -37.52 8.80 -0.36
N PRO C 281 -38.59 8.88 -1.16
CA PRO C 281 -38.97 10.16 -1.76
C PRO C 281 -39.22 11.23 -0.69
N GLY C 282 -38.59 12.39 -0.87
CA GLY C 282 -38.73 13.50 0.04
C GLY C 282 -37.71 13.57 1.16
N GLU C 283 -36.74 12.66 1.18
CA GLU C 283 -35.74 12.61 2.26
C GLU C 283 -34.40 13.22 1.87
N HIS C 284 -34.20 13.59 0.61
CA HIS C 284 -32.96 14.20 0.16
C HIS C 284 -33.18 14.81 -1.21
N GLY C 285 -32.45 15.87 -1.50
CA GLY C 285 -32.54 16.49 -2.80
C GLY C 285 -31.87 17.86 -2.82
N SER C 286 -32.13 18.58 -3.90
CA SER C 286 -31.54 19.89 -4.14
C SER C 286 -32.35 20.66 -5.18
N TYR C 288 -31.47 22.76 -7.82
CA TYR C 288 -30.91 22.79 -9.17
C TYR C 288 -30.38 21.43 -9.60
N GLY C 289 -30.41 20.47 -8.66
CA GLY C 289 -29.90 19.14 -8.95
C GLY C 289 -30.77 18.43 -9.97
N GLY C 290 -30.17 18.00 -11.08
CA GLY C 290 -30.90 17.29 -12.11
C GLY C 290 -31.60 18.17 -13.12
N ASN C 291 -31.30 19.47 -13.16
CA ASN C 291 -31.96 20.36 -14.11
C ASN C 291 -31.52 20.02 -15.53
N PRO C 292 -32.37 20.28 -16.53
CA PRO C 292 -32.05 19.85 -17.90
C PRO C 292 -30.82 20.50 -18.50
N LEU C 293 -30.54 21.76 -18.16
CA LEU C 293 -29.37 22.44 -18.72
C LEU C 293 -28.08 21.76 -18.27
N GLY C 294 -27.93 21.55 -16.96
CA GLY C 294 -26.76 20.84 -16.47
C GLY C 294 -26.65 19.43 -17.01
N CYS C 295 -27.80 18.78 -17.24
CA CYS C 295 -27.78 17.41 -17.76
C CYS C 295 -27.28 17.38 -19.19
N ARG C 296 -27.75 18.30 -20.04
CA ARG C 296 -27.23 18.38 -21.40
C ARG C 296 -25.74 18.67 -21.39
N VAL C 297 -25.33 19.64 -20.57
CA VAL C 297 -23.90 19.99 -20.46
C VAL C 297 -23.08 18.77 -20.05
N ALA C 298 -23.60 17.97 -19.11
CA ALA C 298 -22.85 16.83 -18.60
C ALA C 298 -22.76 15.71 -19.64
N ILE C 299 -23.85 15.45 -20.35
CA ILE C 299 -23.80 14.48 -21.45
C ILE C 299 -22.74 14.90 -22.45
N ALA C 300 -22.71 16.18 -22.82
CA ALA C 300 -21.72 16.65 -23.78
C ALA C 300 -20.30 16.49 -23.25
N ALA C 301 -20.07 16.82 -21.97
CA ALA C 301 -18.73 16.71 -21.40
C ALA C 301 -18.25 15.26 -21.38
N LEU C 302 -19.13 14.33 -20.98
CA LEU C 302 -18.75 12.93 -20.97
C LEU C 302 -18.48 12.41 -22.38
N GLU C 303 -19.31 12.81 -23.35
CA GLU C 303 -19.07 12.39 -24.72
C GLU C 303 -17.74 12.94 -25.24
N VAL C 304 -17.39 14.16 -24.86
CA VAL C 304 -16.09 14.72 -25.25
C VAL C 304 -14.97 13.88 -24.67
N LEU C 305 -15.06 13.55 -23.38
CA LEU C 305 -14.04 12.69 -22.76
C LEU C 305 -13.91 11.36 -23.50
N GLU C 306 -15.04 10.78 -23.92
CA GLU C 306 -15.02 9.46 -24.54
C GLU C 306 -14.43 9.51 -25.95
N GLU C 307 -15.02 10.33 -26.83
CA GLU C 307 -14.71 10.25 -28.25
C GLU C 307 -13.32 10.80 -28.58
N GLU C 308 -12.73 11.61 -27.72
CA GLU C 308 -11.41 12.17 -27.99
C GLU C 308 -10.28 11.39 -27.29
N ASN C 309 -10.61 10.31 -26.58
CA ASN C 309 -9.61 9.46 -25.92
C ASN C 309 -8.69 10.28 -25.02
N LEU C 310 -9.29 11.15 -24.21
CA LEU C 310 -8.50 12.04 -23.38
C LEU C 310 -7.79 11.29 -22.25
N ALA C 311 -8.34 10.16 -21.83
CA ALA C 311 -7.68 9.36 -20.80
C ALA C 311 -6.36 8.80 -21.32
N GLU C 312 -6.36 8.26 -22.54
CA GLU C 312 -5.13 7.74 -23.11
C GLU C 312 -4.10 8.85 -23.30
N ASN C 313 -4.55 10.03 -23.72
CA ASN C 313 -3.62 11.14 -23.90
C ASN C 313 -3.03 11.59 -22.58
N ALA C 314 -3.87 11.71 -21.54
CA ALA C 314 -3.37 12.07 -20.22
C ALA C 314 -2.36 11.05 -19.72
N ASP C 315 -2.66 9.76 -19.89
CA ASP C 315 -1.74 8.70 -19.46
C ASP C 315 -0.42 8.79 -20.20
N LYS C 316 -0.47 9.01 -21.51
CA LYS C 316 0.76 8.99 -22.30
C LYS C 316 1.61 10.25 -22.09
N LEU C 317 0.97 11.40 -21.82
CA LEU C 317 1.72 12.63 -21.64
C LEU C 317 2.16 12.88 -20.20
N GLY C 318 1.46 12.28 -19.22
CA GLY C 318 1.87 12.46 -17.84
C GLY C 318 3.21 11.83 -17.53
N ILE C 319 3.49 10.68 -18.13
CA ILE C 319 4.78 10.03 -17.91
C ILE C 319 5.90 10.88 -18.52
N ILE C 320 5.64 11.51 -19.66
CA ILE C 320 6.63 12.41 -20.26
C ILE C 320 6.87 13.60 -19.33
N LEU C 321 5.79 14.21 -18.84
CA LEU C 321 5.93 15.36 -17.94
C LEU C 321 6.70 14.98 -16.68
N ARG C 322 6.39 13.83 -16.09
CA ARG C 322 7.08 13.42 -14.87
C ARG C 322 8.54 13.10 -15.13
N ASN C 323 8.83 12.39 -16.22
CA ASN C 323 10.22 12.07 -16.54
C ASN C 323 11.04 13.32 -16.80
N GLU C 324 10.43 14.35 -17.40
CA GLU C 324 11.16 15.59 -17.62
C GLU C 324 11.33 16.38 -16.32
N LEU C 325 10.30 16.41 -15.48
CA LEU C 325 10.39 17.13 -14.21
C LEU C 325 11.43 16.49 -13.29
N MET C 326 11.61 15.17 -13.37
CA MET C 326 12.57 14.50 -12.49
C MET C 326 14.02 14.78 -12.88
N LYS C 327 14.27 15.41 -14.04
CA LYS C 327 15.62 15.77 -14.42
C LYS C 327 16.12 17.03 -13.73
N LEU C 328 15.25 17.75 -13.03
CA LEU C 328 15.66 18.97 -12.35
C LEU C 328 16.55 18.63 -11.14
N PRO C 329 17.42 19.54 -10.73
CA PRO C 329 18.35 19.24 -9.64
C PRO C 329 17.62 18.92 -8.34
N SER C 330 18.14 17.94 -7.61
CA SER C 330 17.50 17.50 -6.38
C SER C 330 17.54 18.57 -5.30
N ASP C 331 18.54 19.45 -5.32
CA ASP C 331 18.59 20.54 -4.37
C ASP C 331 17.57 21.64 -4.67
N VAL C 332 16.90 21.57 -5.81
CA VAL C 332 15.85 22.52 -6.16
C VAL C 332 14.50 21.86 -6.00
N VAL C 333 14.18 20.93 -6.88
CA VAL C 333 12.96 20.14 -6.78
C VAL C 333 13.28 18.84 -6.05
N THR C 334 12.65 18.66 -4.89
CA THR C 334 12.94 17.50 -4.06
C THR C 334 12.02 16.31 -4.35
N ALA C 335 10.85 16.53 -4.94
CA ALA C 335 9.96 15.42 -5.22
C ALA C 335 9.14 15.69 -6.47
N VAL C 336 8.82 14.61 -7.18
CA VAL C 336 7.90 14.64 -8.32
C VAL C 336 6.96 13.46 -8.18
N ARG C 337 5.66 13.72 -8.28
CA ARG C 337 4.70 12.63 -8.14
C ARG C 337 3.46 12.94 -8.97
N GLY C 338 2.62 11.93 -9.13
CA GLY C 338 1.34 12.10 -9.81
C GLY C 338 0.98 10.91 -10.65
N LYS C 339 -0.20 11.00 -11.26
CA LYS C 339 -0.67 10.02 -12.21
C LYS C 339 -1.38 10.75 -13.35
N GLY C 340 -1.21 10.23 -14.56
CA GLY C 340 -1.78 10.90 -15.72
C GLY C 340 -1.34 12.35 -15.76
N LEU C 341 -2.29 13.24 -16.03
CA LEU C 341 -2.02 14.68 -16.06
C LEU C 341 -2.35 15.36 -14.75
N LEU C 342 -2.37 14.62 -13.64
CA LEU C 342 -2.47 15.19 -12.30
C LEU C 342 -1.13 14.95 -11.62
N ASN C 343 -0.28 15.98 -11.56
CA ASN C 343 1.05 15.81 -11.03
C ASN C 343 1.38 16.97 -10.09
N ALA C 344 2.46 16.80 -9.35
CA ALA C 344 2.92 17.83 -8.41
C ALA C 344 4.42 17.70 -8.23
N ILE C 345 5.05 18.84 -7.96
CA ILE C 345 6.46 18.89 -7.60
C ILE C 345 6.58 19.51 -6.22
N VAL C 346 7.52 19.00 -5.43
CA VAL C 346 7.89 19.56 -4.14
C VAL C 346 9.28 20.15 -4.27
N ILE C 347 9.39 21.45 -4.01
CA ILE C 347 10.66 22.16 -4.09
C ILE C 347 11.15 22.42 -2.68
N LYS C 348 12.46 22.63 -2.55
CA LYS C 348 13.09 22.94 -1.27
C LYS C 348 12.81 24.40 -0.93
N GLU C 349 11.94 24.64 0.05
CA GLU C 349 11.59 25.99 0.43
C GLU C 349 12.68 26.60 1.29
N THR C 350 13.12 27.80 0.91
CA THR C 350 14.02 28.60 1.73
C THR C 350 13.37 29.94 2.02
N LYS C 351 14.14 31.02 1.96
CA LYS C 351 13.59 32.36 1.95
C LYS C 351 14.19 33.19 0.82
N ASP C 352 14.98 32.59 -0.06
CA ASP C 352 15.34 33.19 -1.34
C ASP C 352 14.42 32.77 -2.46
N TRP C 353 13.66 31.69 -2.27
CA TRP C 353 12.70 31.20 -3.25
C TRP C 353 11.76 30.16 -2.64
N ASP C 354 10.46 30.32 -2.84
CA ASP C 354 9.47 29.35 -2.40
C ASP C 354 8.48 29.14 -3.53
N ALA C 355 7.46 28.31 -3.27
CA ALA C 355 6.51 27.93 -4.33
C ALA C 355 5.75 29.14 -4.87
N TRP C 356 5.45 30.12 -4.01
CA TRP C 356 4.73 31.30 -4.46
C TRP C 356 5.56 32.11 -5.44
N LYS C 357 6.84 32.32 -5.14
CA LYS C 357 7.71 33.05 -6.05
C LYS C 357 7.89 32.28 -7.36
N VAL C 358 8.00 30.95 -7.28
CA VAL C 358 8.13 30.15 -8.49
C VAL C 358 6.89 30.30 -9.35
N CYS C 359 5.71 30.31 -8.75
CA CYS C 359 4.49 30.46 -9.53
C CYS C 359 4.35 31.87 -10.09
N LEU C 360 4.81 32.89 -9.35
CA LEU C 360 4.80 34.25 -9.89
C LEU C 360 5.70 34.34 -11.12
N ARG C 361 6.88 33.73 -11.06
CA ARG C 361 7.79 33.77 -12.20
C ARG C 361 7.27 32.91 -13.35
N LEU C 362 6.59 31.81 -13.05
CA LEU C 362 5.92 31.04 -14.09
C LEU C 362 4.86 31.89 -14.80
N ARG C 363 4.09 32.65 -14.02
CA ARG C 363 3.12 33.57 -14.59
C ARG C 363 3.81 34.60 -15.48
N ASP C 364 4.95 35.11 -15.03
CA ASP C 364 5.70 36.05 -15.85
C ASP C 364 6.19 35.41 -17.14
N ASN C 365 6.36 34.09 -17.16
CA ASN C 365 6.84 33.37 -18.33
C ASN C 365 5.72 32.69 -19.10
N GLY C 366 4.46 32.97 -18.77
CA GLY C 366 3.34 32.49 -19.57
C GLY C 366 2.78 31.15 -19.16
N LEU C 367 2.95 30.72 -17.92
CA LEU C 367 2.38 29.46 -17.44
C LEU C 367 1.76 29.69 -16.08
N LEU C 368 0.49 29.32 -15.93
CA LEU C 368 -0.27 29.58 -14.71
C LEU C 368 -0.33 28.31 -13.86
N ALA C 369 0.22 28.38 -12.66
CA ALA C 369 0.14 27.31 -11.68
C ALA C 369 -0.03 27.91 -10.30
N LYS C 370 -0.51 27.08 -9.37
CA LYS C 370 -0.83 27.55 -8.03
C LYS C 370 -0.17 26.66 -6.98
N PRO C 371 0.40 27.23 -5.93
CA PRO C 371 0.92 26.41 -4.83
C PRO C 371 -0.22 25.74 -4.08
N THR C 372 -0.02 24.46 -3.74
CA THR C 372 -1.06 23.68 -3.08
C THR C 372 -0.94 23.67 -1.56
N HIS C 373 0.26 23.79 -1.02
CA HIS C 373 0.44 23.79 0.42
C HIS C 373 1.76 24.45 0.83
N GLY C 374 2.08 25.59 0.25
CA GLY C 374 3.25 26.37 0.60
C GLY C 374 4.54 26.01 -0.12
N ASP C 375 4.76 24.73 -0.39
CA ASP C 375 5.95 24.28 -1.10
C ASP C 375 5.65 23.27 -2.20
N ILE C 376 4.38 22.95 -2.43
CA ILE C 376 3.98 22.01 -3.47
C ILE C 376 3.37 22.81 -4.62
N ILE C 377 3.76 22.47 -5.84
CA ILE C 377 3.23 23.11 -7.05
C ILE C 377 2.54 22.06 -7.88
N ARG C 378 1.27 22.28 -8.18
CA ARG C 378 0.48 21.36 -8.98
C ARG C 378 0.65 21.65 -10.46
N PHE C 379 0.86 20.59 -11.24
CA PHE C 379 0.93 20.66 -12.69
C PHE C 379 -0.19 19.78 -13.24
N ALA C 380 -1.17 20.41 -13.87
CA ALA C 380 -2.35 19.72 -14.37
C ALA C 380 -2.99 20.53 -15.50
N PRO C 381 -2.45 20.46 -16.70
CA PRO C 381 -3.06 21.18 -17.83
C PRO C 381 -4.27 20.42 -18.35
N PRO C 382 -5.13 21.08 -19.12
CA PRO C 382 -6.27 20.37 -19.72
C PRO C 382 -5.81 19.17 -20.54
N LEU C 383 -6.65 18.14 -20.58
CA LEU C 383 -6.27 16.87 -21.19
C LEU C 383 -6.24 16.93 -22.71
N VAL C 384 -6.70 18.02 -23.32
CA VAL C 384 -6.64 18.17 -24.77
C VAL C 384 -5.29 18.67 -25.25
N ILE C 385 -4.32 18.84 -24.35
CA ILE C 385 -3.01 19.36 -24.72
C ILE C 385 -2.28 18.35 -25.61
N LYS C 386 -1.48 18.87 -26.54
CA LYS C 386 -0.66 18.06 -27.42
C LYS C 386 0.74 17.93 -26.87
N GLU C 387 1.52 17.02 -27.46
CA GLU C 387 2.87 16.76 -26.96
C GLU C 387 3.78 17.96 -27.15
N ASP C 388 3.68 18.64 -28.30
CA ASP C 388 4.53 19.81 -28.54
C ASP C 388 4.20 20.94 -27.59
N GLU C 389 2.91 21.15 -27.31
CA GLU C 389 2.51 22.17 -26.33
C GLU C 389 3.01 21.79 -24.93
N LEU C 390 2.95 20.50 -24.59
CA LEU C 390 3.47 20.05 -23.31
C LEU C 390 4.97 20.30 -23.20
N ARG C 391 5.72 20.05 -24.27
CA ARG C 391 7.16 20.26 -24.22
C ARG C 391 7.50 21.75 -24.18
N GLU C 392 6.71 22.60 -24.84
CA GLU C 392 6.89 24.04 -24.67
C GLU C 392 6.65 24.46 -23.22
N SER C 393 5.60 23.92 -22.61
CA SER C 393 5.36 24.19 -21.19
C SER C 393 6.52 23.70 -20.32
N ILE C 394 7.09 22.55 -20.68
CA ILE C 394 8.20 21.99 -19.90
C ILE C 394 9.44 22.86 -20.04
N GLU C 395 9.67 23.41 -21.23
CA GLU C 395 10.75 24.38 -21.40
C GLU C 395 10.52 25.60 -20.53
N ILE C 396 9.28 26.10 -20.49
CA ILE C 396 8.97 27.25 -19.64
C ILE C 396 9.25 26.92 -18.16
N ILE C 397 8.83 25.72 -17.73
CA ILE C 397 9.02 25.33 -16.34
C ILE C 397 10.50 25.20 -16.01
N ASN C 398 11.27 24.58 -16.91
CA ASN C 398 12.71 24.42 -16.69
C ASN C 398 13.38 25.78 -16.57
N LYS C 399 13.09 26.69 -17.51
CA LYS C 399 13.69 28.03 -17.47
C LYS C 399 13.34 28.75 -16.18
N THR C 400 12.05 28.74 -15.81
CA THR C 400 11.62 29.41 -14.59
C THR C 400 12.32 28.87 -13.37
N ILE C 401 12.32 27.53 -13.21
CA ILE C 401 12.87 26.93 -12.01
C ILE C 401 14.38 27.12 -11.93
N LEU C 402 15.08 26.92 -13.04
CA LEU C 402 16.53 27.08 -13.05
C LEU C 402 16.97 28.54 -13.05
N SER C 403 16.06 29.49 -13.25
CA SER C 403 16.43 30.90 -13.18
C SER C 403 16.67 31.36 -11.74
N PHE C 404 16.25 30.61 -10.74
CA PHE C 404 16.47 31.00 -9.35
C PHE C 404 17.87 30.59 -8.88
N THR D . 13.29 -1.79 26.87
CA THR D . 14.67 -1.35 26.76
C THR D . 15.56 -2.11 27.72
O THR D . 16.72 -2.43 27.39
CB THR D . 14.77 0.16 27.06
OG1 THR D . 13.71 0.83 26.44
CG2 THR D . 16.13 0.67 26.61
C18 Y8P E . 8.84 2.84 27.53
C17 Y8P E . 9.81 4.67 26.04
C16 Y8P E . 8.89 4.30 27.03
C13 Y8P E . 8.95 6.92 26.17
C12 Y8P E . 9.85 6.00 25.61
C11 Y8P E . 14.14 2.31 21.87
C01 Y8P E . 12.53 4.22 22.72
C02 Y8P E . 13.36 3.60 21.57
C03 Y8P E . 13.83 4.55 20.47
C06 Y8P E . 12.95 3.89 24.15
C08 Y8P E . 13.70 2.56 24.40
C09 Y8P E . 10.84 3.66 25.41
O40 Y8P E . 10.04 2.57 28.25
O42 Y8P E . 11.53 0.96 29.61
O43 Y8P E . 11.07 0.40 27.25
O44 Y8P E . 9.29 0.19 28.94
P41 Y8P E . 10.49 0.99 28.52
C10 Y8P E . 13.82 1.60 23.23
C15 Y8P E . 8.04 5.28 27.53
C20 Y8P E . 9.00 8.39 25.66
C21 Y8P E . 13.90 2.18 25.94
N07 Y8P E . 12.12 4.46 25.29
N14 Y8P E . 8.08 6.54 27.10
O04 Y8P E . 14.14 4.10 19.34
O05 Y8P E . 13.89 5.79 20.70
O19 Y8P E . 10.76 6.40 24.63
N THR F . 0.53 -31.90 -25.73
CA THR F . 0.02 -32.47 -24.49
C THR F . -0.97 -33.58 -24.78
O THR F . -0.79 -34.71 -24.30
CB THR F . -0.68 -31.39 -23.67
OG1 THR F . 0.13 -30.25 -23.58
CG2 THR F . -1.05 -31.98 -22.31
C18 Y8P G . 0.78 -25.37 -25.27
C17 Y8P G . 1.40 -25.04 -22.81
C16 Y8P G . 0.91 -24.50 -24.01
C13 Y8P G . 1.13 -22.87 -21.80
C12 Y8P G . 1.50 -24.21 -21.69
C11 Y8P G . 4.12 -30.61 -20.87
C01 Y8P G . 3.11 -28.44 -19.67
C02 Y8P G . 4.22 -29.50 -19.80
C03 Y8P G . 5.43 -29.37 -18.88
C06 Y8P G . 2.20 -28.28 -20.89
C08 Y8P G . 1.83 -29.57 -21.64
C09 Y8P G . 1.82 -26.56 -22.65
O40 Y8P G . -0.26 -26.32 -25.09
O42 Y8P G . 0.65 -28.65 -25.77
O43 Y8P G . -0.06 -27.11 -27.55
O44 Y8P G . -1.74 -28.18 -26.11
P41 Y8P G . -0.35 -27.60 -26.15
C10 Y8P G . 2.97 -30.55 -21.95
C15 Y8P G . 0.56 -23.15 -24.03
C20 Y8P G . 1.25 -21.95 -20.55
C21 Y8P G . 0.39 -29.59 -22.31
N07 Y8P G . 1.54 -26.95 -21.21
N14 Y8P G . 0.68 -22.38 -22.96
O04 Y8P G . 5.42 -28.44 -18.02
O05 Y8P G . 6.41 -30.14 -18.97
O19 Y8P G . 1.97 -24.70 -20.48
N THR H . -15.15 25.74 -5.23
CA THR H . -14.90 25.80 -6.67
C THR H . -16.20 26.14 -7.42
O THR H . -16.19 26.91 -8.45
CB THR H . -14.42 24.45 -7.13
OG1 THR H . -13.13 24.26 -6.59
CG2 THR H . -14.35 24.36 -8.66
C10 YCD I . -11.04 23.75 -5.04
C11 YCD I . -9.62 23.45 -4.40
C12 YCD I . -12.57 17.71 -4.14
C13 YCD I . -13.01 16.41 -3.90
C15 YCD I . -15.09 17.15 -3.31
C16 YCD I . -14.74 18.48 -3.52
C17 YCD I . -13.45 18.76 -3.95
C18 YCD I . -15.75 19.63 -3.31
C20 YCD I . -12.04 15.25 -4.10
C21 YCD I . -12.85 22.88 -6.34
O33 YCD I . -17.54 21.63 -6.03
O34 YCD I . -15.69 22.63 -4.64
O35 YCD I . -17.78 21.76 -3.58
C01 YCD I . -9.74 21.00 -5.50
C02 YCD I . -8.91 22.14 -4.83
C03 YCD I . -7.42 21.89 -4.55
C06 YCD I . -11.25 21.19 -5.54
C08 YCD I . -11.84 22.60 -5.51
C09 YCD I . -12.99 20.24 -4.22
F30 YCD I . -13.88 21.99 -6.53
N07 YCD I . -12.00 20.20 -5.33
N14 YCD I . -14.23 16.17 -3.49
O04 YCD I . -6.89 20.79 -4.90
O05 YCD I . -6.74 22.78 -3.98
O19 YCD I . -11.22 17.95 -4.59
O31 YCD I . -16.12 20.07 -4.56
P32 YCD I . -16.80 21.55 -4.71
#